data_2GJZ
#
_entry.id   2GJZ
#
_cell.length_a   50.209
_cell.length_b   73.495
_cell.length_c   130.475
_cell.angle_alpha   90.00
_cell.angle_beta   96.33
_cell.angle_gamma   90.00
#
_symmetry.space_group_name_H-M   'P 1 21 1'
#
loop_
_entity.id
_entity.type
_entity.pdbx_description
1 polymer 'Catalytic elimination antibody 13G5 light chain'
2 polymer 'Catalytic elimination antibody 13G5 heavy chain'
3 non-polymer 'ZINC ION'
4 water water
#
loop_
_entity_poly.entity_id
_entity_poly.type
_entity_poly.pdbx_seq_one_letter_code
_entity_poly.pdbx_strand_id
1 'polypeptide(L)'
;ELVMTQTPLSLPVSLGDQASISCRSSQSIVHSNGNTYLEWYLQKPGQSPKLLIYKVSNRFSGVPDRFSGSGSGTDFTLKI
NRVEAEDLGVYYCFQGSHLPPTFGGGTKLEIKRADAAPTVSIFPPSSEQLTSGGASVVCFLNNFYPKDINVKWKIDGSER
QNGVLNSWTDQDSKDSTYSMSSTLTLTKDEYERHNSYTCEATHKTSTSPIVKSFNRN
;
L,A
2 'polypeptide(L)'
;QVQLKESGPGLVAPSQSLSITCTVSGFSLTNYGVDWVRQPPGKGLEWVGVIWSGGSTNYNSALMSRLSISKDNSKSQVFL
KMNSLQTDDTAVYYCAKHWGGYYIPYGMDHWGQGTTVTVSSAKTTPPSVYPLAPGCGDTTGSSVTLGCLVKGYFPEPVTV
TWNSGSLSSSVHTFPALLQSGLYTMSSSVTVPSSTWPSQTVTCSVAHPASSTTVDKKLEPR
;
H,B
#
loop_
_chem_comp.id
_chem_comp.type
_chem_comp.name
_chem_comp.formula
ZN non-polymer 'ZINC ION' 'Zn 2'
#
# COMPACT_ATOMS: atom_id res chain seq x y z
N GLU A 1 3.93 42.25 -5.25
CA GLU A 1 3.67 43.36 -4.26
C GLU A 1 2.20 43.31 -3.74
N LEU A 2 1.53 42.20 -4.00
CA LEU A 2 0.12 42.03 -3.61
C LEU A 2 -0.06 41.09 -2.38
N VAL A 3 -0.16 41.70 -1.20
CA VAL A 3 -0.08 40.97 0.06
C VAL A 3 -1.42 40.33 0.42
N MET A 4 -1.40 39.02 0.68
CA MET A 4 -2.54 38.27 1.17
C MET A 4 -2.31 38.05 2.66
N THR A 5 -3.26 38.45 3.49
CA THR A 5 -3.15 38.22 4.93
C THR A 5 -4.20 37.28 5.47
N GLN A 6 -3.75 36.13 5.95
CA GLN A 6 -4.63 35.13 6.51
C GLN A 6 -4.82 35.29 8.00
N THR A 7 -6.06 35.11 8.46
CA THR A 7 -6.36 34.97 9.88
C THR A 7 -7.29 33.77 10.10
N PRO A 8 -7.21 33.14 11.29
CA PRO A 8 -6.16 33.39 12.28
C PRO A 8 -4.92 32.62 11.88
N LEU A 9 -3.84 32.75 12.66
CA LEU A 9 -2.60 32.02 12.38
C LEU A 9 -2.76 30.54 12.71
N SER A 10 -3.46 30.29 13.81
CA SER A 10 -3.69 28.95 14.29
C SER A 10 -5.16 28.83 14.74
N LEU A 11 -5.86 27.82 14.23
CA LEU A 11 -7.28 27.66 14.52
C LEU A 11 -7.60 26.35 15.24
N PRO A 12 -7.79 26.42 16.58
CA PRO A 12 -8.22 25.23 17.30
C PRO A 12 -9.68 24.89 16.99
N VAL A 13 -9.94 23.62 16.66
CA VAL A 13 -11.28 23.16 16.34
C VAL A 13 -11.52 21.74 16.90
N SER A 14 -12.73 21.50 17.41
CA SER A 14 -13.10 20.17 17.93
C SER A 14 -13.40 19.22 16.78
N LEU A 15 -13.06 17.95 16.98
CA LEU A 15 -13.21 16.97 15.89
C LEU A 15 -14.69 16.77 15.56
N GLY A 16 -15.04 17.01 14.31
CA GLY A 16 -16.44 16.97 13.88
C GLY A 16 -17.15 18.32 13.85
N ASP A 17 -16.56 19.34 14.47
CA ASP A 17 -17.11 20.69 14.40
C ASP A 17 -16.76 21.40 13.08
N GLN A 18 -17.08 22.69 13.02
CA GLN A 18 -16.85 23.48 11.82
C GLN A 18 -15.71 24.46 11.96
N ALA A 19 -14.84 24.49 10.95
CA ALA A 19 -13.67 25.37 10.93
C ALA A 19 -13.84 26.45 9.87
N SER A 20 -13.34 27.65 10.16
CA SER A 20 -13.59 28.80 9.30
C SER A 20 -12.35 29.66 9.20
N ILE A 21 -11.78 29.72 8.00
CA ILE A 21 -10.51 30.39 7.73
C ILE A 21 -10.70 31.57 6.76
N SER A 22 -10.16 32.73 7.08
CA SER A 22 -10.35 33.87 6.19
C SER A 22 -9.04 34.42 5.60
N CYS A 23 -9.16 34.99 4.41
CA CYS A 23 -8.03 35.58 3.71
C CYS A 23 -8.43 36.94 3.17
N ARG A 24 -7.58 37.92 3.39
CA ARG A 24 -7.82 39.26 2.87
C ARG A 24 -6.69 39.69 1.95
N SER A 25 -7.04 40.32 0.83
CA SER A 25 -6.04 40.87 -0.07
C SER A 25 -5.90 42.37 0.14
N SER A 26 -4.66 42.84 0.08
CA SER A 26 -4.30 44.25 0.28
C SER A 26 -4.87 45.15 -0.80
N GLN A 27 -5.55 44.53 -1.75
CA GLN A 27 -5.94 45.15 -2.99
C GLN A 27 -7.03 44.26 -3.54
N SER A 28 -8.02 44.82 -4.22
CA SER A 28 -9.13 43.96 -4.70
C SER A 28 -8.57 43.03 -5.76
N ILE A 29 -9.04 41.80 -5.70
CA ILE A 29 -8.50 40.75 -6.52
C ILE A 29 -9.24 40.56 -7.86
N VAL A 30 -10.47 41.07 -7.97
CA VAL A 30 -11.32 40.92 -9.20
C VAL A 30 -10.70 41.47 -10.50
N HIS A 31 -10.51 40.60 -11.50
CA HIS A 31 -10.18 41.05 -12.87
C HIS A 31 -11.37 41.75 -13.56
N SER A 32 -11.16 42.90 -14.17
CA SER A 32 -12.28 43.66 -14.78
C SER A 32 -13.08 42.81 -15.80
N ASN A 33 -12.47 41.52 -16.01
CA ASN A 33 -13.19 40.47 -16.70
C ASN A 33 -14.14 39.69 -15.77
N GLY A 34 -14.57 40.33 -14.67
CA GLY A 34 -15.44 39.66 -13.71
C GLY A 34 -14.76 38.52 -12.96
N ASN A 35 -13.85 37.81 -13.64
CA ASN A 35 -13.15 36.65 -13.06
C ASN A 35 -12.30 36.98 -11.83
N THR A 36 -12.09 35.97 -10.99
CA THR A 36 -11.32 36.13 -9.75
C THR A 36 -10.57 34.85 -9.36
N TYR A 37 -9.24 34.92 -9.41
CA TYR A 37 -8.40 33.73 -9.31
C TYR A 37 -7.80 33.56 -7.93
N LEU A 38 -8.54 32.85 -7.10
CA LEU A 38 -8.14 32.60 -5.74
C LEU A 38 -8.26 31.12 -5.49
N GLU A 39 -7.16 30.52 -5.05
CA GLU A 39 -7.19 29.12 -4.72
C GLU A 39 -6.74 28.85 -3.28
N TRP A 40 -7.22 27.76 -2.69
CA TRP A 40 -6.80 27.33 -1.34
C TRP A 40 -6.02 26.05 -1.38
N TYR A 41 -4.81 26.05 -0.83
CA TYR A 41 -3.99 24.83 -0.75
C TYR A 41 -3.93 24.28 0.66
N LEU A 42 -3.79 22.96 0.78
CA LEU A 42 -3.56 22.31 2.07
C LEU A 42 -2.22 21.61 2.07
N GLN A 43 -1.43 21.83 3.10
CA GLN A 43 -0.19 21.11 3.27
C GLN A 43 -0.24 20.33 4.58
N LYS A 44 -0.29 19.00 4.46
CA LYS A 44 -0.31 18.15 5.63
C LYS A 44 1.12 17.99 6.11
N PRO A 45 1.31 17.72 7.42
CA PRO A 45 2.68 17.63 7.93
C PRO A 45 3.51 16.66 7.11
N GLY A 46 4.69 17.11 6.69
CA GLY A 46 5.61 16.30 5.89
C GLY A 46 5.27 16.07 4.41
N GLN A 47 4.25 16.77 3.90
CA GLN A 47 3.69 16.51 2.57
C GLN A 47 3.77 17.72 1.65
N SER A 48 3.55 17.47 0.36
CA SER A 48 3.46 18.55 -0.63
C SER A 48 2.10 19.20 -0.52
N PRO A 49 2.01 20.47 -0.88
CA PRO A 49 0.72 21.14 -0.90
C PRO A 49 -0.25 20.49 -1.89
N LYS A 50 -1.54 20.56 -1.61
CA LYS A 50 -2.50 20.04 -2.55
C LYS A 50 -3.67 21.00 -2.69
N LEU A 51 -4.18 21.07 -3.91
CA LEU A 51 -5.21 22.03 -4.27
C LEU A 51 -6.59 21.57 -3.77
N LEU A 52 -7.25 22.44 -3.00
CA LEU A 52 -8.62 22.16 -2.54
C LEU A 52 -9.68 22.89 -3.36
N ILE A 53 -9.51 24.21 -3.47
CA ILE A 53 -10.52 25.12 -4.03
C ILE A 53 -9.79 26.02 -5.00
N TYR A 54 -10.30 26.18 -6.22
CA TYR A 54 -9.56 26.88 -7.27
C TYR A 54 -10.10 28.20 -7.81
N LYS A 55 -11.40 28.44 -7.75
CA LYS A 55 -11.83 29.74 -8.27
C LYS A 55 -12.74 30.40 -7.27
N VAL A 56 -12.16 30.79 -6.14
CA VAL A 56 -12.89 31.22 -4.97
C VAL A 56 -13.75 30.10 -4.39
N SER A 57 -14.56 29.45 -5.21
CA SER A 57 -15.62 28.61 -4.69
C SER A 57 -15.71 27.23 -5.32
N ASN A 58 -14.78 26.90 -6.19
CA ASN A 58 -14.84 25.63 -6.89
C ASN A 58 -14.03 24.57 -6.19
N ARG A 59 -14.62 23.41 -5.96
CA ARG A 59 -13.89 22.28 -5.43
C ARG A 59 -13.10 21.58 -6.51
N PHE A 60 -11.83 21.31 -6.22
CA PHE A 60 -10.99 20.49 -7.07
C PHE A 60 -11.41 19.01 -6.98
N SER A 61 -11.14 18.24 -8.02
CA SER A 61 -11.58 16.84 -8.05
C SER A 61 -11.06 16.04 -6.85
N GLY A 62 -11.95 15.24 -6.27
CA GLY A 62 -11.64 14.38 -5.13
C GLY A 62 -11.80 15.05 -3.77
N VAL A 63 -12.09 16.35 -3.78
CA VAL A 63 -12.25 17.09 -2.55
C VAL A 63 -13.70 16.96 -2.06
N PRO A 64 -13.89 16.53 -0.79
CA PRO A 64 -15.23 16.34 -0.25
C PRO A 64 -15.98 17.67 -0.09
N ASP A 65 -17.30 17.62 -0.28
CA ASP A 65 -18.12 18.83 -0.26
C ASP A 65 -18.17 19.54 1.11
N ARG A 66 -17.54 18.96 2.12
CA ARG A 66 -17.49 19.59 3.44
C ARG A 66 -16.49 20.76 3.48
N PHE A 67 -15.70 20.88 2.42
CA PHE A 67 -14.80 21.99 2.18
C PHE A 67 -15.49 22.98 1.26
N SER A 68 -15.64 24.23 1.69
CA SER A 68 -16.22 25.25 0.84
C SER A 68 -15.55 26.62 0.99
N GLY A 69 -15.39 27.29 -0.15
CA GLY A 69 -14.83 28.65 -0.20
C GLY A 69 -15.84 29.69 -0.68
N SER A 70 -15.81 30.86 -0.05
CA SER A 70 -16.61 32.00 -0.50
C SER A 70 -15.79 33.28 -0.39
N GLY A 71 -16.41 34.41 -0.76
CA GLY A 71 -15.75 35.72 -0.66
C GLY A 71 -15.98 36.63 -1.85
N SER A 72 -15.71 37.93 -1.64
CA SER A 72 -16.12 39.00 -2.56
C SER A 72 -14.99 39.53 -3.46
N GLY A 73 -14.28 40.55 -2.98
CA GLY A 73 -13.24 41.22 -3.75
C GLY A 73 -11.91 41.26 -3.01
N THR A 74 -12.00 41.55 -1.71
CA THR A 74 -10.83 41.54 -0.84
C THR A 74 -11.00 40.51 0.29
N ASP A 75 -12.23 40.02 0.48
CA ASP A 75 -12.53 39.13 1.61
C ASP A 75 -12.90 37.72 1.19
N PHE A 76 -12.10 36.74 1.59
CA PHE A 76 -12.39 35.37 1.24
C PHE A 76 -12.37 34.47 2.47
N THR A 77 -13.18 33.42 2.45
CA THR A 77 -13.19 32.45 3.53
C THR A 77 -13.18 31.02 2.99
N LEU A 78 -12.38 30.18 3.62
CA LEU A 78 -12.48 28.74 3.52
C LEU A 78 -13.26 28.24 4.73
N LYS A 79 -14.20 27.35 4.49
CA LYS A 79 -14.97 26.76 5.55
C LYS A 79 -14.77 25.26 5.55
N ILE A 80 -14.44 24.69 6.69
CA ILE A 80 -14.38 23.24 6.78
C ILE A 80 -15.43 22.74 7.76
N ASN A 81 -16.38 21.95 7.26
CA ASN A 81 -17.38 21.33 8.10
C ASN A 81 -16.98 19.92 8.52
N ARG A 82 -17.58 19.45 9.61
CA ARG A 82 -17.24 18.16 10.22
C ARG A 82 -15.76 17.84 10.06
N VAL A 83 -14.94 18.51 10.88
CA VAL A 83 -13.49 18.38 10.79
C VAL A 83 -13.01 16.99 11.25
N GLU A 84 -12.28 16.32 10.37
CA GLU A 84 -11.69 15.02 10.66
C GLU A 84 -10.19 15.15 10.95
N ALA A 85 -9.56 14.06 11.35
CA ALA A 85 -8.12 14.01 11.57
C ALA A 85 -7.31 14.29 10.29
N GLU A 86 -7.80 13.85 9.13
CA GLU A 86 -7.17 14.11 7.83
C GLU A 86 -7.10 15.59 7.47
N ASP A 87 -7.91 16.41 8.14
CA ASP A 87 -8.02 17.83 7.83
C ASP A 87 -6.85 18.68 8.39
N LEU A 88 -6.05 18.09 9.26
CA LEU A 88 -4.97 18.82 9.90
C LEU A 88 -3.80 19.20 9.01
N GLY A 89 -3.39 20.46 9.13
CA GLY A 89 -2.21 20.90 8.43
C GLY A 89 -2.28 22.38 8.35
N VAL A 90 -1.57 22.94 7.38
CA VAL A 90 -1.57 24.37 7.17
C VAL A 90 -2.36 24.68 5.89
N TYR A 91 -3.28 25.63 6.01
CA TYR A 91 -4.01 26.10 4.84
C TYR A 91 -3.42 27.39 4.29
N TYR A 92 -3.31 27.44 2.96
CA TYR A 92 -2.82 28.64 2.29
C TYR A 92 -3.79 29.11 1.22
N CYS A 93 -4.22 30.38 1.31
CA CYS A 93 -4.85 31.05 0.15
C CYS A 93 -3.75 31.47 -0.78
N PHE A 94 -4.09 31.51 -2.06
CA PHE A 94 -3.17 31.83 -3.11
C PHE A 94 -3.93 32.62 -4.16
N GLN A 95 -3.24 33.62 -4.72
CA GLN A 95 -3.79 34.47 -5.74
C GLN A 95 -2.77 34.43 -6.89
N GLY A 96 -3.22 34.20 -8.14
CA GLY A 96 -2.30 34.14 -9.29
C GLY A 96 -2.64 35.17 -10.36
N SER A 97 -3.86 35.72 -10.26
CA SER A 97 -4.39 36.70 -11.23
C SER A 97 -3.30 37.72 -11.45
N HIS A 98 -2.97 38.39 -10.35
CA HIS A 98 -2.07 39.53 -10.33
C HIS A 98 -0.62 39.13 -10.14
N LEU A 99 0.24 39.52 -11.09
CA LEU A 99 1.66 39.14 -11.04
C LEU A 99 2.45 40.05 -10.11
N PRO A 100 3.26 39.46 -9.19
CA PRO A 100 3.49 38.02 -9.07
C PRO A 100 2.42 37.30 -8.25
N PRO A 101 2.17 36.02 -8.55
CA PRO A 101 1.38 35.21 -7.61
C PRO A 101 1.97 35.24 -6.20
N THR A 102 1.09 35.12 -5.20
CA THR A 102 1.49 35.21 -3.80
C THR A 102 0.61 34.32 -2.94
N PHE A 103 1.20 33.74 -1.88
CA PHE A 103 0.43 32.93 -0.93
C PHE A 103 0.07 33.81 0.26
N GLY A 104 -0.95 33.43 1.01
CA GLY A 104 -1.12 33.96 2.36
C GLY A 104 -0.11 33.27 3.26
N GLY A 105 0.01 33.73 4.51
CA GLY A 105 1.03 33.26 5.44
C GLY A 105 0.74 31.91 6.07
N GLY A 106 -0.44 31.35 5.78
CA GLY A 106 -0.83 30.05 6.30
C GLY A 106 -1.55 30.04 7.64
N THR A 107 -2.51 29.14 7.78
CA THR A 107 -3.22 28.92 9.03
C THR A 107 -3.12 27.47 9.48
N LYS A 108 -2.56 27.26 10.66
CA LYS A 108 -2.42 25.92 11.14
C LYS A 108 -3.74 25.52 11.78
N LEU A 109 -4.28 24.42 11.29
CA LEU A 109 -5.49 23.89 11.87
C LEU A 109 -5.11 22.93 13.00
N GLU A 110 -5.50 23.30 14.21
CA GLU A 110 -5.18 22.53 15.40
C GLU A 110 -6.44 21.84 15.98
N ILE A 111 -6.32 20.57 16.33
CA ILE A 111 -7.43 19.84 16.91
C ILE A 111 -7.58 20.07 18.42
N LYS A 112 -8.74 20.57 18.81
CA LYS A 112 -9.06 20.77 20.21
C LYS A 112 -9.35 19.42 20.86
N ARG A 113 -8.75 19.21 22.03
CA ARG A 113 -9.02 18.05 22.87
C ARG A 113 -9.01 18.48 24.35
N ALA A 114 -9.33 17.55 25.24
CA ALA A 114 -9.26 17.75 26.69
C ALA A 114 -7.83 18.09 27.13
N ASP A 115 -7.70 18.97 28.12
CA ASP A 115 -6.38 19.26 28.69
C ASP A 115 -5.72 17.98 29.20
N ALA A 116 -4.40 17.94 29.10
CA ALA A 116 -3.61 16.77 29.44
C ALA A 116 -2.29 17.26 29.98
N ALA A 117 -1.93 16.79 31.16
CA ALA A 117 -0.68 17.18 31.79
C ALA A 117 0.45 16.39 31.16
N PRO A 118 1.65 16.99 31.05
CA PRO A 118 2.80 16.23 30.52
C PRO A 118 3.35 15.15 31.47
N THR A 119 3.90 14.08 30.90
CA THR A 119 4.77 13.18 31.61
C THR A 119 6.18 13.72 31.41
N VAL A 120 6.85 14.09 32.49
CA VAL A 120 8.18 14.68 32.42
C VAL A 120 9.22 13.69 32.88
N SER A 121 10.37 13.72 32.21
CA SER A 121 11.52 12.90 32.59
C SER A 121 12.79 13.65 32.30
N ILE A 122 13.66 13.69 33.31
CA ILE A 122 14.94 14.35 33.19
C ILE A 122 16.00 13.29 32.98
N PHE A 123 17.06 13.66 32.28
CA PHE A 123 18.10 12.70 32.01
C PHE A 123 19.42 13.40 32.25
N PRO A 124 20.27 12.82 33.10
CA PRO A 124 21.59 13.40 33.26
C PRO A 124 22.47 13.12 32.05
N PRO A 125 23.58 13.88 31.91
CA PRO A 125 24.47 13.72 30.78
C PRO A 125 25.02 12.33 30.79
N SER A 126 25.14 11.75 29.59
CA SER A 126 25.80 10.47 29.46
C SER A 126 27.31 10.63 29.74
N SER A 127 27.96 9.57 30.19
CA SER A 127 29.38 9.67 30.48
C SER A 127 30.21 9.82 29.20
N GLU A 128 29.69 9.33 28.08
CA GLU A 128 30.46 9.45 26.85
C GLU A 128 30.51 10.91 26.36
N GLN A 129 29.43 11.66 26.60
CA GLN A 129 29.47 13.11 26.37
C GLN A 129 30.41 13.86 27.31
N LEU A 130 30.26 13.60 28.61
CA LEU A 130 31.20 14.09 29.61
C LEU A 130 32.67 13.92 29.18
N THR A 131 33.01 12.76 28.62
CA THR A 131 34.34 12.51 28.10
C THR A 131 34.75 13.57 27.07
N SER A 132 33.81 13.94 26.21
CA SER A 132 34.01 14.90 25.12
C SER A 132 34.20 16.37 25.54
N GLY A 133 33.85 16.69 26.79
CA GLY A 133 33.96 18.06 27.29
C GLY A 133 32.62 18.74 27.55
N GLY A 134 31.58 18.32 26.84
CA GLY A 134 30.26 18.91 26.97
C GLY A 134 29.40 18.16 27.98
N ALA A 135 28.28 18.76 28.36
CA ALA A 135 27.29 18.11 29.22
C ALA A 135 25.90 18.70 28.98
N SER A 136 25.03 17.90 28.37
CA SER A 136 23.69 18.31 28.09
C SER A 136 22.78 17.53 28.99
N VAL A 137 21.99 18.25 29.78
CA VAL A 137 20.95 17.67 30.64
C VAL A 137 19.67 17.78 29.87
N VAL A 138 18.88 16.71 29.82
CA VAL A 138 17.73 16.71 28.91
C VAL A 138 16.40 16.46 29.62
N CYS A 139 15.38 17.17 29.18
CA CYS A 139 14.05 17.00 29.73
C CYS A 139 13.06 16.75 28.61
N PHE A 140 12.26 15.69 28.75
CA PHE A 140 11.19 15.39 27.83
C PHE A 140 9.87 15.65 28.48
N LEU A 141 9.04 16.45 27.85
CA LEU A 141 7.67 16.63 28.31
C LEU A 141 6.78 16.02 27.25
N ASN A 142 6.30 14.82 27.52
CA ASN A 142 5.56 14.09 26.51
C ASN A 142 4.03 14.20 26.68
N ASN A 143 3.33 14.26 25.53
CA ASN A 143 1.89 14.06 25.45
C ASN A 143 1.02 15.02 26.26
N PHE A 144 1.17 16.31 26.03
CA PHE A 144 0.36 17.30 26.72
C PHE A 144 -0.53 18.13 25.78
N TYR A 145 -1.49 18.84 26.35
CA TYR A 145 -2.38 19.72 25.62
C TYR A 145 -2.98 20.74 26.60
N PRO A 146 -3.01 22.03 26.20
CA PRO A 146 -2.57 22.63 24.94
C PRO A 146 -1.06 22.82 24.86
N LYS A 147 -0.63 23.40 23.73
CA LYS A 147 0.77 23.60 23.34
C LYS A 147 1.60 24.52 24.24
N ASP A 148 1.04 25.63 24.74
CA ASP A 148 1.81 26.51 25.65
C ASP A 148 2.24 25.71 26.85
N ILE A 149 3.50 25.86 27.19
CA ILE A 149 4.05 25.20 28.33
C ILE A 149 5.35 25.89 28.64
N ASN A 150 5.67 25.95 29.93
CA ASN A 150 6.88 26.61 30.36
C ASN A 150 7.82 25.65 31.03
N VAL A 151 9.05 25.56 30.51
CA VAL A 151 10.12 24.83 31.17
C VAL A 151 11.08 25.77 31.84
N LYS A 152 11.32 25.52 33.13
CA LYS A 152 12.26 26.29 33.91
C LYS A 152 13.37 25.35 34.38
N TRP A 153 14.61 25.71 34.08
CA TRP A 153 15.75 24.91 34.51
C TRP A 153 16.36 25.48 35.77
N LYS A 154 16.69 24.58 36.71
CA LYS A 154 17.28 25.00 37.96
C LYS A 154 18.57 24.24 38.24
N ILE A 155 19.51 24.93 38.86
CA ILE A 155 20.78 24.34 39.20
C ILE A 155 21.02 24.71 40.64
N ASP A 156 20.99 23.69 41.50
CA ASP A 156 21.03 23.87 42.95
C ASP A 156 20.00 24.89 43.42
N GLY A 157 18.81 24.86 42.80
CA GLY A 157 17.71 25.77 43.16
C GLY A 157 17.79 27.15 42.54
N SER A 158 18.77 27.35 41.66
CA SER A 158 18.97 28.63 40.98
C SER A 158 18.58 28.53 39.51
N GLU A 159 17.82 29.51 39.03
CA GLU A 159 17.31 29.45 37.66
C GLU A 159 18.41 29.66 36.62
N ARG A 160 18.33 28.92 35.52
CA ARG A 160 19.28 29.04 34.43
C ARG A 160 18.56 29.23 33.10
N GLN A 161 18.90 30.29 32.37
CA GLN A 161 18.26 30.61 31.08
C GLN A 161 19.20 30.37 29.89
N ASN A 162 20.44 30.86 30.02
CA ASN A 162 21.52 30.58 29.09
C ASN A 162 21.67 29.11 28.69
N GLY A 163 21.73 28.88 27.38
CA GLY A 163 22.03 27.56 26.84
C GLY A 163 20.88 26.58 26.93
N VAL A 164 19.65 27.10 26.96
CA VAL A 164 18.47 26.23 26.86
C VAL A 164 17.97 26.21 25.43
N LEU A 165 17.63 25.01 24.95
CA LEU A 165 17.05 24.87 23.63
C LEU A 165 15.81 24.03 23.76
N ASN A 166 14.75 24.46 23.11
CA ASN A 166 13.46 23.78 23.22
C ASN A 166 12.95 23.39 21.84
N SER A 167 12.25 22.27 21.76
CA SER A 167 11.82 21.78 20.48
C SER A 167 10.47 21.09 20.65
N TRP A 168 9.45 21.59 19.98
CA TRP A 168 8.13 20.98 20.03
C TRP A 168 7.92 20.06 18.86
N THR A 169 7.09 19.05 19.04
CA THR A 169 6.66 18.24 17.92
C THR A 169 5.45 18.95 17.35
N ASP A 170 5.12 18.65 16.10
CA ASP A 170 3.78 18.98 15.58
C ASP A 170 2.74 18.13 16.37
N GLN A 171 1.46 18.48 16.23
CA GLN A 171 0.41 17.75 16.92
C GLN A 171 0.41 16.30 16.46
N ASP A 172 0.35 15.38 17.42
CA ASP A 172 0.15 13.96 17.14
C ASP A 172 -1.21 13.75 16.45
N SER A 173 -1.22 12.94 15.40
CA SER A 173 -2.44 12.70 14.62
C SER A 173 -3.40 11.73 15.32
N LYS A 174 -2.86 10.95 16.26
CA LYS A 174 -3.63 9.90 16.94
C LYS A 174 -4.32 10.41 18.20
N ASP A 175 -3.55 11.03 19.11
CA ASP A 175 -4.11 11.50 20.37
C ASP A 175 -4.18 13.03 20.48
N SER A 176 -3.70 13.72 19.45
CA SER A 176 -3.78 15.19 19.35
C SER A 176 -3.00 15.99 20.38
N THR A 177 -1.96 15.39 20.95
CA THR A 177 -1.20 16.07 21.98
C THR A 177 0.12 16.55 21.41
N TYR A 178 0.79 17.42 22.16
CA TYR A 178 2.12 17.85 21.80
C TYR A 178 3.15 17.20 22.73
N SER A 179 4.38 17.18 22.28
CA SER A 179 5.49 16.82 23.15
C SER A 179 6.54 17.85 22.92
N MET A 180 7.34 18.10 23.94
CA MET A 180 8.47 18.96 23.74
C MET A 180 9.69 18.49 24.51
N SER A 181 10.85 18.97 24.06
CA SER A 181 12.10 18.54 24.58
C SER A 181 12.90 19.79 24.93
N SER A 182 13.42 19.84 26.15
CA SER A 182 14.24 20.97 26.57
C SER A 182 15.60 20.46 26.94
N THR A 183 16.64 21.18 26.50
CA THR A 183 18.00 20.73 26.69
C THR A 183 18.82 21.85 27.24
N LEU A 184 19.44 21.61 28.38
CA LEU A 184 20.35 22.57 28.99
C LEU A 184 21.76 22.11 28.69
N THR A 185 22.55 22.93 28.01
CA THR A 185 23.91 22.54 27.68
C THR A 185 24.93 23.37 28.44
N LEU A 186 25.75 22.69 29.23
CA LEU A 186 26.85 23.29 29.95
C LEU A 186 28.16 22.64 29.52
N THR A 187 29.29 23.16 30.02
CA THR A 187 30.56 22.46 29.88
C THR A 187 30.67 21.47 31.01
N LYS A 188 31.47 20.42 30.82
CA LYS A 188 31.69 19.42 31.85
C LYS A 188 32.08 20.12 33.14
N ASP A 189 33.02 21.04 33.04
CA ASP A 189 33.54 21.76 34.19
C ASP A 189 32.45 22.50 34.95
N GLU A 190 31.58 23.21 34.21
CA GLU A 190 30.41 23.86 34.80
C GLU A 190 29.55 22.80 35.47
N TYR A 191 29.26 21.74 34.75
CA TYR A 191 28.31 20.74 35.21
C TYR A 191 28.76 20.07 36.50
N GLU A 192 30.04 19.73 36.57
CA GLU A 192 30.58 19.01 37.72
C GLU A 192 30.68 19.82 39.01
N ARG A 193 30.49 21.13 38.96
CA ARG A 193 30.61 21.91 40.18
C ARG A 193 29.28 22.16 40.91
N HIS A 194 28.22 21.48 40.48
CA HIS A 194 26.92 21.61 41.15
C HIS A 194 26.30 20.26 41.43
N ASN A 195 25.39 20.23 42.40
CA ASN A 195 24.75 19.00 42.85
C ASN A 195 23.41 18.63 42.17
N SER A 196 22.46 19.57 42.12
CA SER A 196 21.10 19.29 41.63
C SER A 196 20.78 19.93 40.30
N TYR A 197 20.02 19.19 39.50
CA TYR A 197 19.50 19.70 38.27
C TYR A 197 18.02 19.44 38.25
N THR A 198 17.27 20.49 37.96
CA THR A 198 15.84 20.44 38.07
C THR A 198 15.15 21.01 36.84
N CYS A 199 14.20 20.21 36.36
CA CYS A 199 13.31 20.52 35.28
C CYS A 199 11.94 20.87 35.87
N GLU A 200 11.39 22.05 35.53
CA GLU A 200 10.07 22.48 36.04
C GLU A 200 9.18 22.90 34.91
N ALA A 201 8.06 22.18 34.75
CA ALA A 201 7.12 22.41 33.65
C ALA A 201 5.86 23.04 34.16
N THR A 202 5.59 24.29 33.77
CA THR A 202 4.32 24.94 34.10
C THR A 202 3.37 24.82 32.94
N HIS A 203 2.16 24.37 33.24
CA HIS A 203 1.17 24.07 32.23
C HIS A 203 -0.22 24.26 32.80
N LYS A 204 -1.12 24.78 31.98
CA LYS A 204 -2.46 25.16 32.40
C LYS A 204 -3.26 24.06 33.09
N THR A 205 -2.80 22.81 32.99
CA THR A 205 -3.43 21.69 33.69
C THR A 205 -3.25 21.77 35.20
N SER A 206 -2.34 22.63 35.64
CA SER A 206 -2.10 22.85 37.06
C SER A 206 -1.48 24.22 37.34
N THR A 207 -1.81 24.79 38.50
CA THR A 207 -1.07 25.94 39.02
C THR A 207 0.25 25.46 39.65
N SER A 208 0.24 24.23 40.16
CA SER A 208 1.47 23.55 40.61
C SER A 208 2.34 23.15 39.42
N PRO A 209 3.62 23.55 39.44
CA PRO A 209 4.51 23.09 38.40
C PRO A 209 4.81 21.61 38.58
N ILE A 210 5.11 20.90 37.51
CA ILE A 210 5.60 19.53 37.60
C ILE A 210 7.12 19.58 37.62
N VAL A 211 7.73 18.93 38.61
CA VAL A 211 9.14 19.06 38.86
C VAL A 211 9.78 17.69 38.82
N LYS A 212 10.84 17.57 38.03
CA LYS A 212 11.69 16.39 38.00
C LYS A 212 13.13 16.82 38.24
N SER A 213 13.86 16.04 39.02
CA SER A 213 15.24 16.38 39.31
C SER A 213 16.10 15.17 39.57
N PHE A 214 17.41 15.41 39.62
CA PHE A 214 18.39 14.42 40.07
C PHE A 214 19.57 15.12 40.73
N ASN A 215 20.25 14.41 41.62
CA ASN A 215 21.54 14.84 42.14
C ASN A 215 22.64 14.09 41.39
N ARG A 216 23.77 14.75 41.17
CA ARG A 216 24.93 14.08 40.57
C ARG A 216 25.48 12.93 41.40
N ASN A 217 25.23 12.98 42.71
CA ASN A 217 25.70 11.92 43.62
C ASN A 217 24.96 10.60 43.42
N GLN B 1 -0.40 8.39 -15.58
CA GLN B 1 -0.11 8.89 -14.20
C GLN B 1 0.86 10.06 -14.24
N VAL B 2 0.45 11.18 -13.66
CA VAL B 2 1.22 12.42 -13.71
C VAL B 2 2.18 12.55 -12.54
N GLN B 3 3.47 12.73 -12.83
CA GLN B 3 4.50 12.81 -11.79
C GLN B 3 5.47 13.98 -12.00
N LEU B 4 5.96 14.52 -10.90
CA LEU B 4 6.98 15.56 -10.89
C LEU B 4 8.02 15.20 -9.86
N LYS B 5 9.29 15.37 -10.19
CA LYS B 5 10.37 14.87 -9.34
C LYS B 5 11.60 15.76 -9.40
N GLU B 6 11.88 16.44 -8.29
CA GLU B 6 12.98 17.39 -8.20
C GLU B 6 14.28 16.71 -7.76
N SER B 7 15.37 17.02 -8.45
CA SER B 7 16.70 16.65 -7.96
C SER B 7 17.49 17.92 -7.75
N GLY B 8 18.18 17.97 -6.62
CA GLY B 8 18.96 19.11 -6.23
C GLY B 8 20.29 18.69 -5.64
N PRO B 9 21.14 19.68 -5.29
CA PRO B 9 22.45 19.40 -4.70
C PRO B 9 22.37 18.98 -3.22
N GLY B 10 21.39 19.51 -2.49
CA GLY B 10 21.35 19.34 -1.04
C GLY B 10 21.99 20.56 -0.39
N LEU B 11 23.30 20.49 -0.19
CA LEU B 11 24.07 21.56 0.44
C LEU B 11 24.82 22.42 -0.59
N VAL B 12 24.78 23.75 -0.40
CA VAL B 12 25.54 24.72 -1.24
C VAL B 12 26.12 25.89 -0.44
N ALA B 13 27.35 26.30 -0.80
CA ALA B 13 28.04 27.40 -0.13
C ALA B 13 27.41 28.77 -0.43
N PRO B 14 27.41 29.69 0.55
CA PRO B 14 26.57 30.91 0.53
C PRO B 14 26.97 32.04 -0.41
N SER B 15 27.40 31.71 -1.64
CA SER B 15 27.59 32.70 -2.69
C SER B 15 27.72 32.00 -4.04
N GLN B 16 27.61 30.68 -4.00
CA GLN B 16 27.70 29.82 -5.18
C GLN B 16 26.36 29.83 -5.89
N SER B 17 26.21 28.93 -6.86
CA SER B 17 24.94 28.78 -7.55
C SER B 17 24.18 27.51 -7.17
N LEU B 18 22.86 27.62 -7.27
CA LEU B 18 21.95 26.50 -7.10
C LEU B 18 21.34 26.15 -8.44
N SER B 19 21.31 24.85 -8.75
CA SER B 19 20.63 24.39 -9.95
C SER B 19 19.80 23.17 -9.63
N ILE B 20 18.49 23.33 -9.74
CA ILE B 20 17.54 22.25 -9.50
C ILE B 20 16.85 21.86 -10.81
N THR B 21 16.89 20.56 -11.10
CA THR B 21 16.13 20.01 -12.21
C THR B 21 14.86 19.34 -11.69
N CYS B 22 13.75 19.60 -12.37
CA CYS B 22 12.50 18.89 -12.13
C CYS B 22 12.19 18.10 -13.39
N THR B 23 12.25 16.78 -13.30
CA THR B 23 11.84 15.94 -14.42
C THR B 23 10.33 15.65 -14.32
N VAL B 24 9.70 15.60 -15.48
CA VAL B 24 8.26 15.48 -15.57
C VAL B 24 7.86 14.16 -16.22
N SER B 25 6.80 13.57 -15.70
CA SER B 25 6.27 12.31 -16.22
C SER B 25 4.75 12.40 -16.36
N GLY B 26 4.23 11.81 -17.42
CA GLY B 26 2.77 11.71 -17.63
C GLY B 26 2.08 12.87 -18.32
N PHE B 27 2.85 13.85 -18.76
CA PHE B 27 2.32 15.00 -19.51
C PHE B 27 3.43 15.83 -20.14
N SER B 28 3.10 16.54 -21.22
CA SER B 28 4.11 17.26 -21.99
C SER B 28 4.26 18.72 -21.59
N LEU B 29 5.51 19.20 -21.66
CA LEU B 29 5.83 20.57 -21.28
C LEU B 29 5.49 21.60 -22.37
N THR B 30 4.91 21.14 -23.47
CA THR B 30 4.42 22.04 -24.50
C THR B 30 2.94 22.34 -24.28
N ASN B 31 2.32 21.58 -23.39
CA ASN B 31 0.91 21.74 -23.07
C ASN B 31 0.69 22.56 -21.80
N TYR B 32 1.52 22.33 -20.81
CA TYR B 32 1.33 22.98 -19.53
C TYR B 32 2.51 23.84 -19.09
N GLY B 33 2.23 24.78 -18.18
CA GLY B 33 3.23 25.60 -17.53
C GLY B 33 3.64 24.96 -16.21
N VAL B 34 4.81 25.34 -15.70
CA VAL B 34 5.35 24.75 -14.48
C VAL B 34 5.77 25.82 -13.47
N ASP B 35 5.26 25.71 -12.25
CA ASP B 35 5.55 26.69 -11.22
C ASP B 35 6.63 26.15 -10.32
N TRP B 36 7.49 27.02 -9.80
CA TRP B 36 8.42 26.65 -8.75
C TRP B 36 7.98 27.42 -7.54
N VAL B 37 7.91 26.72 -6.42
CA VAL B 37 7.45 27.25 -5.15
C VAL B 37 8.48 26.84 -4.13
N ARG B 38 8.74 27.66 -3.13
CA ARG B 38 9.66 27.25 -2.10
C ARG B 38 9.08 27.50 -0.73
N GLN B 39 9.69 26.84 0.26
CA GLN B 39 9.27 26.97 1.63
C GLN B 39 10.49 26.86 2.54
N PRO B 40 10.91 27.99 3.14
CA PRO B 40 12.00 28.02 4.12
C PRO B 40 11.58 27.29 5.40
N PRO B 41 12.55 26.71 6.14
CA PRO B 41 12.23 25.96 7.37
C PRO B 41 11.26 26.69 8.28
N GLY B 42 10.10 26.07 8.51
CA GLY B 42 9.08 26.60 9.41
C GLY B 42 8.34 27.85 8.95
N LYS B 43 8.44 28.19 7.67
CA LYS B 43 7.77 29.39 7.13
C LYS B 43 6.71 29.00 6.12
N GLY B 44 5.93 29.99 5.69
CA GLY B 44 4.89 29.75 4.69
C GLY B 44 5.48 29.52 3.30
N LEU B 45 4.63 29.14 2.37
CA LEU B 45 5.03 28.95 0.97
C LEU B 45 5.30 30.27 0.29
N GLU B 46 6.30 30.29 -0.58
CA GLU B 46 6.59 31.44 -1.45
C GLU B 46 6.53 30.98 -2.91
N TRP B 47 5.80 31.72 -3.74
CA TRP B 47 5.84 31.44 -5.17
C TRP B 47 7.17 31.96 -5.69
N VAL B 48 7.89 31.12 -6.41
CA VAL B 48 9.21 31.53 -6.91
C VAL B 48 9.17 32.02 -8.35
N GLY B 49 8.52 31.25 -9.20
CA GLY B 49 8.49 31.60 -10.61
C GLY B 49 7.65 30.64 -11.43
N VAL B 50 7.47 30.98 -12.71
CA VAL B 50 6.82 30.07 -13.64
C VAL B 50 7.51 30.07 -15.00
N ILE B 51 7.54 28.89 -15.63
CA ILE B 51 7.81 28.80 -17.07
C ILE B 51 6.56 28.30 -17.78
N TRP B 52 6.06 29.12 -18.71
CA TRP B 52 4.88 28.76 -19.46
C TRP B 52 5.19 27.78 -20.59
N SER B 53 4.19 27.00 -21.00
CA SER B 53 4.34 26.04 -22.08
C SER B 53 4.95 26.68 -23.32
N GLY B 54 4.58 27.93 -23.58
CA GLY B 54 5.23 28.75 -24.59
C GLY B 54 6.74 28.70 -24.46
N GLY B 55 7.26 29.22 -23.35
CA GLY B 55 8.69 29.20 -23.10
C GLY B 55 9.13 30.44 -22.34
N SER B 56 8.18 31.35 -22.12
CA SER B 56 8.41 32.59 -21.36
C SER B 56 8.24 32.38 -19.84
N THR B 57 8.84 33.30 -19.09
CA THR B 57 8.97 33.15 -17.64
C THR B 57 8.52 34.39 -16.86
N ASN B 58 8.10 34.17 -15.61
CA ASN B 58 7.85 35.24 -14.64
C ASN B 58 8.45 34.91 -13.31
N TYR B 59 9.08 35.90 -12.69
CA TYR B 59 9.72 35.67 -11.42
C TYR B 59 9.15 36.52 -10.29
N ASN B 60 9.19 35.91 -9.11
CA ASN B 60 8.90 36.53 -7.84
C ASN B 60 9.71 37.84 -7.63
N SER B 61 9.04 38.87 -7.12
CA SER B 61 9.61 40.21 -6.97
C SER B 61 10.93 40.26 -6.23
N ALA B 62 10.98 39.54 -5.12
CA ALA B 62 12.12 39.56 -4.23
C ALA B 62 13.36 38.87 -4.82
N LEU B 63 13.13 37.83 -5.61
CA LEU B 63 14.20 36.96 -6.09
C LEU B 63 14.52 37.15 -7.57
N MET B 64 13.78 38.04 -8.23
CA MET B 64 13.74 38.12 -9.70
C MET B 64 15.06 38.39 -10.42
N SER B 65 16.05 38.90 -9.70
CA SER B 65 17.31 39.30 -10.35
C SER B 65 18.38 38.23 -10.21
N ARG B 66 18.07 37.19 -9.43
CA ARG B 66 18.99 36.08 -9.23
C ARG B 66 18.47 34.81 -9.90
N LEU B 67 17.21 34.86 -10.29
CA LEU B 67 16.54 33.69 -10.85
C LEU B 67 16.68 33.60 -12.34
N SER B 68 16.94 32.39 -12.82
CA SER B 68 16.61 32.05 -14.20
C SER B 68 15.95 30.69 -14.24
N ILE B 69 14.90 30.58 -15.04
CA ILE B 69 14.20 29.32 -15.24
C ILE B 69 14.23 28.94 -16.71
N SER B 70 14.87 27.80 -17.00
CA SER B 70 14.84 27.25 -18.35
C SER B 70 14.12 25.91 -18.38
N LYS B 71 14.33 25.16 -19.45
CA LYS B 71 13.45 24.06 -19.80
C LYS B 71 14.02 23.35 -21.02
N ASP B 72 13.95 22.02 -21.00
CA ASP B 72 14.21 21.20 -22.19
C ASP B 72 12.96 20.36 -22.47
N ASN B 73 12.22 20.73 -23.51
CA ASN B 73 10.95 20.08 -23.84
C ASN B 73 11.12 18.61 -24.18
N SER B 74 12.12 18.33 -25.00
CA SER B 74 12.48 16.98 -25.45
C SER B 74 12.76 16.02 -24.29
N LYS B 75 13.45 16.52 -23.27
CA LYS B 75 13.88 15.72 -22.12
C LYS B 75 12.89 15.69 -20.96
N SER B 76 11.81 16.46 -21.08
CA SER B 76 10.78 16.61 -20.03
C SER B 76 11.35 17.15 -18.71
N GLN B 77 12.28 18.10 -18.82
CA GLN B 77 12.97 18.62 -17.64
C GLN B 77 12.85 20.13 -17.51
N VAL B 78 12.74 20.58 -16.27
CA VAL B 78 12.61 22.00 -15.98
C VAL B 78 13.73 22.38 -15.04
N PHE B 79 14.41 23.47 -15.37
CA PHE B 79 15.57 23.87 -14.60
C PHE B 79 15.35 25.19 -13.91
N LEU B 80 15.80 25.25 -12.66
CA LEU B 80 15.83 26.48 -11.89
C LEU B 80 17.29 26.78 -11.56
N LYS B 81 17.77 27.92 -12.02
CA LYS B 81 19.09 28.41 -11.65
C LYS B 81 18.92 29.57 -10.68
N MET B 82 19.87 29.73 -9.77
CA MET B 82 19.82 30.82 -8.80
C MET B 82 21.22 31.27 -8.41
N ASN B 83 21.52 32.53 -8.69
CA ASN B 83 22.85 33.09 -8.47
C ASN B 83 22.99 33.79 -7.12
N SER B 84 24.23 33.93 -6.67
CA SER B 84 24.60 34.70 -5.46
C SER B 84 23.74 34.34 -4.23
N LEU B 85 23.69 33.04 -3.93
CA LEU B 85 22.83 32.49 -2.90
C LEU B 85 23.04 33.10 -1.53
N GLN B 86 21.93 33.27 -0.81
CA GLN B 86 21.95 33.76 0.55
C GLN B 86 21.61 32.63 1.50
N THR B 87 21.98 32.81 2.76
CA THR B 87 21.60 31.88 3.80
C THR B 87 20.05 31.72 3.86
N ASP B 88 19.36 32.81 3.52
CA ASP B 88 17.90 32.91 3.42
C ASP B 88 17.32 31.94 2.42
N ASP B 89 18.11 31.59 1.41
CA ASP B 89 17.59 30.75 0.36
C ASP B 89 17.37 29.30 0.79
N THR B 90 17.82 28.98 2.00
CA THR B 90 17.59 27.66 2.58
C THR B 90 16.09 27.42 2.56
N ALA B 91 15.69 26.38 1.83
CA ALA B 91 14.30 26.02 1.71
C ALA B 91 14.15 24.65 1.07
N VAL B 92 12.95 24.10 1.19
CA VAL B 92 12.52 22.99 0.37
C VAL B 92 11.92 23.60 -0.90
N TYR B 93 12.42 23.16 -2.06
CA TYR B 93 11.97 23.65 -3.37
C TYR B 93 11.06 22.60 -4.05
N TYR B 94 9.84 23.03 -4.40
CA TYR B 94 8.86 22.20 -5.09
C TYR B 94 8.71 22.71 -6.52
N CYS B 95 8.41 21.80 -7.46
CA CYS B 95 7.82 22.18 -8.76
C CYS B 95 6.37 21.72 -8.82
N ALA B 96 5.54 22.51 -9.51
CA ALA B 96 4.12 22.22 -9.66
C ALA B 96 3.67 22.52 -11.07
N LYS B 97 2.72 21.74 -11.58
CA LYS B 97 2.17 22.04 -12.90
C LYS B 97 0.88 22.83 -12.80
N HIS B 98 0.62 23.65 -13.81
CA HIS B 98 -0.64 24.35 -13.89
C HIS B 98 -1.70 23.40 -14.34
N TRP B 99 -2.87 23.48 -13.72
CA TRP B 99 -4.00 22.68 -14.12
C TRP B 99 -4.70 23.30 -15.33
N GLY B 100 -4.78 24.63 -15.33
CA GLY B 100 -5.11 25.37 -16.56
C GLY B 100 -3.94 25.32 -17.56
N GLY B 101 -4.13 24.61 -18.67
CA GLY B 101 -3.14 24.58 -19.75
C GLY B 101 -3.03 25.87 -20.56
N TYR B 102 -3.90 26.84 -20.27
CA TYR B 102 -3.85 28.16 -20.91
C TYR B 102 -3.33 29.26 -20.01
N TYR B 103 -3.10 30.45 -20.57
CA TYR B 103 -2.28 31.49 -19.91
C TYR B 103 -2.81 32.05 -18.60
N ILE B 104 -3.96 31.53 -18.16
CA ILE B 104 -4.47 31.83 -16.82
C ILE B 104 -4.77 30.53 -16.06
N PRO B 105 -3.82 30.08 -15.21
CA PRO B 105 -3.96 28.87 -14.38
C PRO B 105 -5.14 28.93 -13.41
N TYR B 106 -5.95 27.88 -13.38
CA TYR B 106 -7.00 27.79 -12.40
C TYR B 106 -6.39 27.40 -11.05
N GLY B 107 -5.20 26.79 -11.09
CA GLY B 107 -4.53 26.29 -9.91
C GLY B 107 -3.34 25.40 -10.21
N MET B 108 -2.65 24.97 -9.17
CA MET B 108 -1.48 24.12 -9.30
C MET B 108 -1.86 22.69 -9.00
N ASP B 109 -1.80 21.93 -10.08
CA ASP B 109 -2.39 20.62 -10.26
C ASP B 109 -1.78 19.57 -9.35
N HIS B 110 -0.64 19.04 -9.79
CA HIS B 110 0.14 18.09 -9.02
C HIS B 110 1.43 18.80 -8.63
N TRP B 111 2.07 18.27 -7.58
CA TRP B 111 3.30 18.84 -7.07
C TRP B 111 4.37 17.77 -7.01
N GLY B 112 5.63 18.18 -7.04
CA GLY B 112 6.72 17.27 -6.74
C GLY B 112 6.77 17.01 -5.25
N GLN B 113 7.59 16.05 -4.85
CA GLN B 113 7.83 15.73 -3.44
C GLN B 113 8.65 16.82 -2.74
N GLY B 114 9.26 17.70 -3.52
CA GLY B 114 10.10 18.72 -2.95
C GLY B 114 11.51 18.21 -2.72
N THR B 115 12.46 19.14 -2.71
CA THR B 115 13.86 18.81 -2.49
C THR B 115 14.47 19.83 -1.51
N THR B 116 15.13 19.34 -0.46
CA THR B 116 15.81 20.21 0.49
C THR B 116 17.10 20.82 -0.06
N VAL B 117 17.19 22.13 0.04
CA VAL B 117 18.42 22.85 -0.27
C VAL B 117 18.87 23.60 0.96
N THR B 118 20.10 23.30 1.39
CA THR B 118 20.71 23.91 2.56
C THR B 118 21.88 24.79 2.10
N VAL B 119 21.85 26.07 2.47
CA VAL B 119 22.89 27.01 2.08
C VAL B 119 23.74 27.46 3.28
N SER B 120 25.00 27.01 3.33
CA SER B 120 25.93 27.42 4.40
C SER B 120 27.41 27.16 4.04
N SER B 121 28.25 27.43 5.06
CA SER B 121 29.67 27.14 4.94
C SER B 121 30.12 26.05 5.92
N ALA B 122 29.19 25.40 6.60
CA ALA B 122 29.53 24.22 7.40
C ALA B 122 29.79 23.04 6.48
N LYS B 123 30.41 22.01 7.03
CA LYS B 123 30.81 20.84 6.26
C LYS B 123 30.09 19.62 6.80
N THR B 124 29.92 18.62 5.94
CA THR B 124 29.39 17.32 6.35
C THR B 124 30.13 16.82 7.60
N THR B 125 29.36 16.64 8.66
CA THR B 125 29.84 16.17 9.93
C THR B 125 28.86 15.10 10.43
N PRO B 126 29.39 13.89 10.70
CA PRO B 126 28.57 12.85 11.29
C PRO B 126 28.08 13.31 12.67
N PRO B 127 26.94 12.78 13.13
CA PRO B 127 26.43 13.17 14.45
C PRO B 127 27.14 12.43 15.57
N SER B 128 27.20 13.05 16.76
CA SER B 128 27.53 12.36 18.00
C SER B 128 26.22 11.87 18.57
N VAL B 129 26.18 10.64 19.02
CA VAL B 129 24.96 10.13 19.62
C VAL B 129 25.20 9.85 21.09
N TYR B 130 24.28 10.26 21.93
CA TYR B 130 24.42 10.03 23.34
C TYR B 130 23.14 9.46 23.92
N PRO B 131 23.26 8.40 24.72
CA PRO B 131 22.09 7.71 25.26
C PRO B 131 21.44 8.54 26.33
N LEU B 132 20.13 8.44 26.46
CA LEU B 132 19.44 9.17 27.51
C LEU B 132 18.73 8.19 28.42
N ALA B 133 19.31 7.97 29.59
CA ALA B 133 18.86 6.92 30.49
C ALA B 133 18.53 7.46 31.86
N PRO B 134 17.44 6.98 32.46
CA PRO B 134 17.07 7.43 33.78
C PRO B 134 18.22 7.35 34.77
N GLY B 135 18.22 8.26 35.73
CA GLY B 135 19.10 8.16 36.87
C GLY B 135 18.60 6.99 37.69
N CYS B 136 19.52 6.34 38.37
CA CYS B 136 19.19 5.22 39.22
C CYS B 136 18.50 5.71 40.51
N GLY B 137 18.14 6.99 40.54
CA GLY B 137 17.53 7.61 41.71
C GLY B 137 16.03 7.86 41.66
N ASP B 138 15.40 7.62 40.50
CA ASP B 138 13.94 7.82 40.35
C ASP B 138 13.26 6.65 39.62
N THR B 139 12.84 5.64 40.38
CA THR B 139 12.07 4.52 39.80
C THR B 139 10.60 4.89 39.59
N THR B 140 10.17 4.90 38.33
CA THR B 140 8.73 4.98 38.02
C THR B 140 8.14 3.54 37.97
N GLY B 141 6.86 3.41 37.56
CA GLY B 141 6.19 2.11 37.56
C GLY B 141 5.85 1.62 36.16
N SER B 142 4.60 1.89 35.73
CA SER B 142 4.02 1.34 34.50
C SER B 142 4.99 1.29 33.30
N SER B 143 5.59 2.43 32.98
CA SER B 143 6.36 2.58 31.74
C SER B 143 7.58 3.47 31.93
N VAL B 144 8.54 3.34 31.01
CA VAL B 144 9.82 4.03 31.11
C VAL B 144 10.11 4.80 29.81
N THR B 145 10.46 6.07 29.94
CA THR B 145 10.83 6.86 28.79
C THR B 145 12.33 6.85 28.68
N LEU B 146 12.83 6.58 27.49
CA LEU B 146 14.25 6.59 27.22
C LEU B 146 14.45 7.52 26.04
N GLY B 147 15.70 7.90 25.77
CA GLY B 147 15.98 8.81 24.67
C GLY B 147 17.32 8.60 24.02
N CYS B 148 17.54 9.27 22.90
CA CYS B 148 18.84 9.41 22.27
C CYS B 148 19.01 10.86 21.91
N LEU B 149 20.14 11.45 22.25
CA LEU B 149 20.41 12.84 21.91
C LEU B 149 21.42 12.85 20.78
N VAL B 150 21.06 13.50 19.69
CA VAL B 150 21.82 13.41 18.44
C VAL B 150 22.34 14.80 18.18
N LYS B 151 23.63 14.99 18.41
CA LYS B 151 24.15 16.34 18.53
C LYS B 151 25.33 16.58 17.58
N GLY B 152 25.41 17.80 17.06
CA GLY B 152 26.56 18.25 16.28
C GLY B 152 26.70 17.71 14.88
N TYR B 153 25.58 17.48 14.18
CA TYR B 153 25.65 16.97 12.82
C TYR B 153 25.30 18.03 11.81
N PHE B 154 25.56 17.70 10.54
CA PHE B 154 25.29 18.56 9.40
C PHE B 154 25.56 17.75 8.13
N PRO B 155 24.69 17.90 7.10
CA PRO B 155 23.43 18.63 7.15
C PRO B 155 22.31 17.81 7.70
N GLU B 156 21.13 18.42 7.79
CA GLU B 156 19.90 17.69 7.97
C GLU B 156 19.78 16.61 6.87
N PRO B 157 18.98 15.57 7.13
CA PRO B 157 18.55 15.18 8.46
C PRO B 157 19.16 13.86 8.88
N VAL B 158 18.73 13.41 10.07
CA VAL B 158 18.98 12.07 10.57
C VAL B 158 17.64 11.34 10.65
N THR B 159 17.67 10.00 10.66
CA THR B 159 16.54 9.23 11.17
C THR B 159 16.97 8.34 12.32
N VAL B 160 16.26 8.45 13.43
CA VAL B 160 16.42 7.58 14.58
C VAL B 160 15.43 6.41 14.53
N THR B 161 15.97 5.19 14.44
CA THR B 161 15.16 3.98 14.49
C THR B 161 15.31 3.33 15.87
N TRP B 162 14.23 2.82 16.44
CA TRP B 162 14.28 2.11 17.73
C TRP B 162 13.97 0.63 17.55
N ASN B 163 14.87 -0.23 18.05
CA ASN B 163 14.73 -1.69 17.99
C ASN B 163 14.31 -2.26 16.63
N SER B 164 14.92 -1.76 15.55
CA SER B 164 14.61 -2.21 14.17
C SER B 164 13.21 -1.82 13.69
N GLY B 165 12.66 -0.76 14.28
CA GLY B 165 11.29 -0.32 14.01
C GLY B 165 10.22 -0.99 14.88
N SER B 166 10.58 -2.09 15.55
CA SER B 166 9.69 -2.82 16.48
C SER B 166 8.99 -1.90 17.47
N LEU B 167 9.56 -0.71 17.64
CA LEU B 167 8.95 0.35 18.41
C LEU B 167 8.64 1.60 17.56
N SER B 168 7.36 1.74 17.25
CA SER B 168 6.75 3.02 16.88
C SER B 168 5.89 3.40 18.09
N SER B 169 5.79 2.42 19.01
CA SER B 169 5.13 2.50 20.32
C SER B 169 5.62 3.70 21.11
N SER B 170 5.05 4.86 20.79
CA SER B 170 5.42 6.15 21.35
C SER B 170 6.88 6.42 21.08
N VAL B 171 7.19 6.73 19.83
CA VAL B 171 8.45 7.39 19.54
C VAL B 171 8.08 8.84 19.33
N HIS B 172 8.87 9.75 19.91
CA HIS B 172 8.68 11.15 19.65
C HIS B 172 9.96 11.70 19.09
N THR B 173 9.85 12.37 17.96
CA THR B 173 10.99 12.88 17.23
C THR B 173 10.96 14.38 17.35
N PHE B 174 11.98 14.94 17.96
CA PHE B 174 11.98 16.38 18.17
C PHE B 174 12.75 17.05 17.06
N PRO B 175 12.12 18.01 16.36
CA PRO B 175 12.81 18.61 15.23
C PRO B 175 14.15 19.22 15.57
N ALA B 176 15.09 19.06 14.66
CA ALA B 176 16.42 19.60 14.83
C ALA B 176 16.43 21.11 15.03
N LEU B 177 17.32 21.58 15.89
CA LEU B 177 17.63 23.00 16.04
C LEU B 177 19.09 23.23 15.68
N LEU B 178 19.40 24.48 15.33
CA LEU B 178 20.74 24.91 14.95
C LEU B 178 21.52 25.39 16.18
N GLN B 179 22.71 24.84 16.38
CA GLN B 179 23.52 25.04 17.59
C GLN B 179 24.99 25.13 17.18
N SER B 180 25.60 26.30 17.38
CA SER B 180 27.02 26.48 17.03
C SER B 180 27.32 26.09 15.57
N GLY B 181 26.38 26.40 14.67
CA GLY B 181 26.51 26.05 13.27
C GLY B 181 26.08 24.63 12.90
N LEU B 182 25.90 23.76 13.90
CA LEU B 182 25.50 22.37 13.66
C LEU B 182 24.11 22.04 14.28
N TYR B 183 23.48 20.99 13.75
CA TYR B 183 22.16 20.58 14.23
C TYR B 183 22.20 19.63 15.44
N THR B 184 21.12 19.67 16.21
CA THR B 184 20.88 18.77 17.33
C THR B 184 19.40 18.40 17.30
N MET B 185 19.11 17.12 17.46
CA MET B 185 17.75 16.71 17.71
C MET B 185 17.73 15.71 18.85
N SER B 186 16.54 15.29 19.27
CA SER B 186 16.45 14.21 20.20
C SER B 186 15.23 13.39 19.89
N SER B 187 15.25 12.14 20.32
CA SER B 187 14.18 11.22 20.07
C SER B 187 13.88 10.49 21.35
N SER B 188 12.62 10.26 21.62
CA SER B 188 12.32 9.48 22.79
C SER B 188 11.42 8.30 22.44
N VAL B 189 11.49 7.30 23.30
CA VAL B 189 10.65 6.13 23.18
C VAL B 189 10.17 5.76 24.58
N THR B 190 8.91 5.37 24.68
CA THR B 190 8.33 4.92 25.93
C THR B 190 8.01 3.45 25.79
N VAL B 191 8.46 2.66 26.76
CA VAL B 191 8.25 1.21 26.74
C VAL B 191 7.68 0.74 28.07
N PRO B 192 7.01 -0.44 28.09
CA PRO B 192 6.62 -1.00 29.39
C PRO B 192 7.84 -1.19 30.28
N SER B 193 7.73 -0.80 31.53
CA SER B 193 8.86 -0.81 32.43
C SER B 193 9.28 -2.22 32.88
N SER B 194 8.44 -3.21 32.58
CA SER B 194 8.80 -4.61 32.83
C SER B 194 9.71 -5.18 31.72
N THR B 195 9.92 -4.39 30.67
CA THR B 195 10.75 -4.81 29.54
C THR B 195 12.03 -3.98 29.40
N TRP B 196 12.26 -3.07 30.34
CA TRP B 196 13.54 -2.37 30.44
C TRP B 196 13.90 -2.07 31.89
N PRO B 197 15.18 -2.33 32.27
CA PRO B 197 16.29 -2.79 31.43
C PRO B 197 16.29 -4.26 31.11
N SER B 198 15.26 -4.97 31.57
CA SER B 198 15.07 -6.39 31.30
C SER B 198 15.50 -6.76 29.87
N GLN B 199 14.82 -6.19 28.88
CA GLN B 199 15.15 -6.43 27.47
C GLN B 199 15.88 -5.26 26.83
N THR B 200 16.67 -5.58 25.80
CA THR B 200 17.56 -4.60 25.18
C THR B 200 16.82 -3.55 24.33
N VAL B 201 17.23 -2.30 24.48
CA VAL B 201 16.67 -1.21 23.70
C VAL B 201 17.80 -0.41 23.07
N THR B 202 17.70 -0.26 21.76
CA THR B 202 18.76 0.39 20.98
C THR B 202 18.16 1.47 20.10
N CYS B 203 18.87 2.58 19.98
CA CYS B 203 18.54 3.56 18.97
C CYS B 203 19.61 3.58 17.91
N SER B 204 19.17 3.62 16.66
CA SER B 204 20.05 3.58 15.51
C SER B 204 19.88 4.88 14.76
N VAL B 205 21.00 5.59 14.59
CA VAL B 205 20.95 6.91 14.01
C VAL B 205 21.60 6.96 12.63
N ALA B 206 20.77 7.13 11.60
CA ALA B 206 21.25 7.20 10.23
C ALA B 206 21.53 8.64 9.85
N HIS B 207 22.70 8.90 9.32
CA HIS B 207 22.99 10.19 8.73
C HIS B 207 23.46 9.99 7.30
N PRO B 208 22.49 9.81 6.36
CA PRO B 208 22.80 9.47 4.98
C PRO B 208 23.93 10.34 4.41
N ALA B 209 23.85 11.64 4.68
CA ALA B 209 24.80 12.63 4.17
C ALA B 209 26.27 12.31 4.43
N SER B 210 26.59 11.84 5.64
CA SER B 210 27.97 11.44 5.97
C SER B 210 28.21 9.94 5.84
N SER B 211 27.16 9.18 5.50
CA SER B 211 27.20 7.72 5.37
C SER B 211 27.52 7.02 6.70
N THR B 212 26.98 7.55 7.78
CA THR B 212 27.24 6.96 9.08
C THR B 212 25.95 6.42 9.71
N THR B 213 26.08 5.24 10.32
CA THR B 213 25.04 4.71 11.18
C THR B 213 25.67 4.57 12.55
N VAL B 214 24.99 5.08 13.56
CA VAL B 214 25.49 4.99 14.93
C VAL B 214 24.45 4.34 15.82
N ASP B 215 24.86 3.27 16.50
CA ASP B 215 23.98 2.53 17.39
C ASP B 215 24.38 2.84 18.82
N LYS B 216 23.39 2.88 19.70
CA LYS B 216 23.66 3.08 21.10
C LYS B 216 22.73 2.20 21.89
N LYS B 217 23.32 1.30 22.66
CA LYS B 217 22.58 0.45 23.58
C LYS B 217 22.20 1.34 24.75
N LEU B 218 20.93 1.33 25.16
CA LEU B 218 20.53 2.09 26.33
C LEU B 218 20.64 1.29 27.63
N GLU B 219 21.55 1.69 28.50
CA GLU B 219 21.85 0.93 29.72
C GLU B 219 21.72 1.77 30.98
N PRO B 220 21.26 1.17 32.09
CA PRO B 220 21.10 1.93 33.31
C PRO B 220 22.44 2.45 33.86
N ARG B 221 22.38 3.50 34.69
CA ARG B 221 23.56 4.21 35.26
C ARG B 221 24.37 4.99 34.22
N GLU C 1 -9.91 -24.29 14.48
CA GLU C 1 -10.44 -23.02 15.10
C GLU C 1 -9.25 -22.18 15.61
N LEU C 2 -8.09 -22.41 14.98
CA LEU C 2 -6.88 -21.60 15.16
C LEU C 2 -6.53 -20.87 13.85
N VAL C 3 -7.07 -19.66 13.71
CA VAL C 3 -7.09 -18.96 12.41
C VAL C 3 -5.74 -18.32 12.12
N MET C 4 -5.19 -18.64 10.95
CA MET C 4 -3.97 -17.98 10.44
C MET C 4 -4.37 -16.96 9.40
N THR C 5 -4.05 -15.69 9.60
CA THR C 5 -4.37 -14.66 8.58
C THR C 5 -3.15 -14.13 7.84
N GLN C 6 -3.10 -14.36 6.54
CA GLN C 6 -1.98 -13.90 5.73
C GLN C 6 -2.26 -12.53 5.14
N THR C 7 -1.22 -11.70 5.10
CA THR C 7 -1.29 -10.44 4.38
C THR C 7 0.01 -10.24 3.59
N PRO C 8 -0.07 -9.55 2.43
CA PRO C 8 -1.31 -9.13 1.78
C PRO C 8 -1.87 -10.32 1.00
N LEU C 9 -3.06 -10.19 0.39
CA LEU C 9 -3.62 -11.29 -0.40
C LEU C 9 -2.82 -11.47 -1.67
N SER C 10 -2.40 -10.35 -2.25
CA SER C 10 -1.69 -10.33 -3.52
C SER C 10 -0.51 -9.36 -3.41
N LEU C 11 0.71 -9.84 -3.67
CA LEU C 11 1.91 -9.00 -3.58
C LEU C 11 2.62 -8.76 -4.94
N PRO C 12 2.43 -7.57 -5.52
CA PRO C 12 3.16 -7.26 -6.72
C PRO C 12 4.61 -6.96 -6.40
N VAL C 13 5.52 -7.58 -7.13
CA VAL C 13 6.96 -7.40 -6.93
C VAL C 13 7.71 -7.37 -8.27
N SER C 14 8.74 -6.53 -8.35
CA SER C 14 9.56 -6.43 -9.56
C SER C 14 10.54 -7.58 -9.60
N LEU C 15 10.84 -8.06 -10.80
CA LEU C 15 11.71 -9.23 -10.93
C LEU C 15 13.12 -8.92 -10.46
N GLY C 16 13.61 -9.67 -9.48
CA GLY C 16 14.92 -9.44 -8.88
C GLY C 16 14.89 -8.59 -7.63
N ASP C 17 13.74 -8.03 -7.29
CA ASP C 17 13.59 -7.28 -6.04
C ASP C 17 13.34 -8.22 -4.86
N GLN C 18 12.95 -7.64 -3.73
CA GLN C 18 12.68 -8.41 -2.53
C GLN C 18 11.21 -8.39 -2.21
N ALA C 19 10.69 -9.54 -1.84
CA ALA C 19 9.29 -9.73 -1.50
C ALA C 19 9.16 -10.13 -0.03
N SER C 20 8.12 -9.63 0.62
CA SER C 20 7.93 -9.83 2.04
C SER C 20 6.49 -10.17 2.36
N ILE C 21 6.27 -11.38 2.92
CA ILE C 21 4.93 -11.93 3.20
C ILE C 21 4.78 -12.22 4.70
N SER C 22 3.70 -11.72 5.30
CA SER C 22 3.50 -11.99 6.71
C SER C 22 2.29 -12.85 7.04
N CYS C 23 2.37 -13.53 8.18
CA CYS C 23 1.32 -14.43 8.64
C CYS C 23 1.11 -14.19 10.14
N ARG C 24 -0.15 -14.03 10.54
CA ARG C 24 -0.48 -13.82 11.95
C ARG C 24 -1.44 -14.89 12.44
N SER C 25 -1.16 -15.42 13.62
CA SER C 25 -2.06 -16.40 14.24
C SER C 25 -2.94 -15.73 15.26
N SER C 26 -4.19 -16.20 15.31
CA SER C 26 -5.22 -15.65 16.20
C SER C 26 -4.93 -15.96 17.67
N GLN C 27 -3.79 -16.59 17.91
CA GLN C 27 -3.48 -17.21 19.18
C GLN C 27 -2.01 -17.59 19.15
N SER C 28 -1.41 -17.71 20.33
CA SER C 28 -0.02 -18.15 20.39
C SER C 28 0.15 -19.52 19.76
N ILE C 29 1.20 -19.66 18.96
CA ILE C 29 1.56 -20.91 18.33
C ILE C 29 2.71 -21.61 19.05
N VAL C 30 3.49 -20.85 19.81
CA VAL C 30 4.60 -21.44 20.55
C VAL C 30 4.07 -22.29 21.69
N HIS C 31 4.01 -23.61 21.50
CA HIS C 31 3.61 -24.48 22.60
C HIS C 31 4.61 -24.26 23.75
N SER C 32 4.09 -24.27 24.99
CA SER C 32 4.82 -23.76 26.17
C SER C 32 6.24 -24.29 26.45
N ASN C 33 6.47 -25.61 25.86
CA ASN C 33 7.86 -26.14 25.96
C ASN C 33 8.90 -25.15 25.44
N GLY C 34 8.58 -24.49 24.34
CA GLY C 34 9.49 -23.59 23.67
C GLY C 34 9.33 -23.65 22.17
N ASN C 35 9.02 -24.84 21.65
CA ASN C 35 8.93 -25.09 20.20
C ASN C 35 7.76 -24.36 19.52
N THR C 36 7.91 -24.14 18.22
CA THR C 36 6.91 -23.43 17.41
C THR C 36 6.81 -23.99 15.96
N TYR C 37 5.68 -24.61 15.64
CA TYR C 37 5.55 -25.36 14.39
C TYR C 37 4.85 -24.58 13.27
N LEU C 38 5.64 -23.83 12.52
CA LEU C 38 5.12 -23.00 11.47
C LEU C 38 5.89 -23.27 10.19
N GLU C 39 5.14 -23.56 9.13
CA GLU C 39 5.74 -23.92 7.86
C GLU C 39 5.21 -23.04 6.77
N TRP C 40 6.03 -22.79 5.74
CA TRP C 40 5.60 -22.05 4.54
C TRP C 40 5.61 -22.96 3.32
N TYR C 41 4.48 -23.10 2.66
CA TYR C 41 4.46 -23.84 1.41
C TYR C 41 4.34 -22.92 0.19
N LEU C 42 4.77 -23.43 -0.96
CA LEU C 42 4.64 -22.73 -2.27
C LEU C 42 3.89 -23.62 -3.23
N GLN C 43 2.81 -23.10 -3.78
CA GLN C 43 2.13 -23.77 -4.87
C GLN C 43 2.31 -22.96 -6.17
N LYS C 44 3.02 -23.55 -7.14
CA LYS C 44 3.20 -22.92 -8.44
C LYS C 44 1.97 -23.25 -9.27
N PRO C 45 1.61 -22.37 -10.23
CA PRO C 45 0.41 -22.60 -11.03
C PRO C 45 0.39 -24.03 -11.60
N GLY C 46 -0.72 -24.74 -11.33
CA GLY C 46 -0.93 -26.09 -11.85
C GLY C 46 -0.13 -27.20 -11.17
N GLN C 47 0.50 -26.90 -10.03
CA GLN C 47 1.39 -27.84 -9.34
C GLN C 47 0.92 -28.15 -7.94
N SER C 48 1.50 -29.19 -7.35
CA SER C 48 1.28 -29.51 -5.96
C SER C 48 2.08 -28.56 -5.09
N PRO C 49 1.63 -28.32 -3.85
CA PRO C 49 2.39 -27.47 -2.94
C PRO C 49 3.74 -28.10 -2.63
N LYS C 50 4.70 -27.28 -2.23
CA LYS C 50 5.98 -27.81 -1.82
C LYS C 50 6.50 -27.03 -0.64
N LEU C 51 7.17 -27.75 0.27
CA LEU C 51 7.63 -27.18 1.51
C LEU C 51 8.89 -26.35 1.31
N LEU C 52 8.83 -25.10 1.76
CA LEU C 52 9.99 -24.23 1.71
C LEU C 52 10.67 -24.13 3.07
N ILE C 53 9.89 -23.72 4.07
CA ILE C 53 10.40 -23.41 5.42
C ILE C 53 9.62 -24.23 6.45
N TYR C 54 10.31 -24.91 7.36
CA TYR C 54 9.65 -25.87 8.26
C TYR C 54 9.54 -25.61 9.77
N LYS C 55 10.39 -24.78 10.35
CA LYS C 55 10.20 -24.50 11.77
C LYS C 55 10.44 -23.02 12.05
N VAL C 56 9.50 -22.21 11.57
CA VAL C 56 9.65 -20.75 11.51
C VAL C 56 10.79 -20.32 10.60
N SER C 57 11.99 -20.84 10.82
CA SER C 57 13.18 -20.29 10.17
C SER C 57 14.08 -21.29 9.45
N ASN C 58 13.66 -22.55 9.41
CA ASN C 58 14.48 -23.60 8.80
C ASN C 58 14.15 -23.82 7.35
N ARG C 59 15.18 -23.79 6.51
CA ARG C 59 15.04 -24.11 5.10
C ARG C 59 14.99 -25.62 4.89
N PHE C 60 13.99 -26.04 4.12
CA PHE C 60 13.89 -27.44 3.71
C PHE C 60 14.98 -27.71 2.65
N SER C 61 15.42 -28.97 2.55
CA SER C 61 16.45 -29.36 1.60
C SER C 61 16.10 -28.94 0.17
N GLY C 62 17.10 -28.42 -0.53
CA GLY C 62 16.94 -27.98 -1.92
C GLY C 62 16.45 -26.55 -2.08
N VAL C 63 16.04 -25.91 -1.00
CA VAL C 63 15.53 -24.55 -1.04
C VAL C 63 16.67 -23.52 -0.91
N PRO C 64 16.78 -22.60 -1.88
CA PRO C 64 17.91 -21.63 -1.92
C PRO C 64 17.87 -20.63 -0.77
N ASP C 65 19.05 -20.26 -0.29
CA ASP C 65 19.15 -19.40 0.91
C ASP C 65 18.56 -18.00 0.75
N ARG C 66 18.07 -17.70 -0.46
CA ARG C 66 17.41 -16.43 -0.71
C ARG C 66 15.95 -16.42 -0.16
N PHE C 67 15.46 -17.60 0.24
CA PHE C 67 14.22 -17.73 0.98
C PHE C 67 14.52 -17.77 2.48
N SER C 68 13.91 -16.87 3.25
CA SER C 68 14.10 -16.88 4.71
C SER C 68 12.81 -16.55 5.48
N GLY C 69 12.63 -17.23 6.61
CA GLY C 69 11.49 -17.03 7.50
C GLY C 69 11.91 -16.57 8.88
N SER C 70 11.11 -15.67 9.45
CA SER C 70 11.32 -15.20 10.82
C SER C 70 9.97 -14.96 11.50
N GLY C 71 10.00 -14.64 12.80
CA GLY C 71 8.79 -14.33 13.53
C GLY C 71 8.75 -14.82 14.95
N SER C 72 7.88 -14.21 15.75
CA SER C 72 7.88 -14.39 17.22
C SER C 72 6.90 -15.44 17.74
N GLY C 73 5.67 -15.00 18.02
CA GLY C 73 4.65 -15.85 18.65
C GLY C 73 3.32 -15.79 17.94
N THR C 74 2.98 -14.61 17.42
CA THR C 74 1.81 -14.46 16.56
C THR C 74 2.18 -13.88 15.18
N ASP C 75 3.38 -13.31 15.09
CA ASP C 75 3.83 -12.59 13.88
C ASP C 75 4.93 -13.33 13.17
N PHE C 76 4.69 -13.73 11.92
CA PHE C 76 5.69 -14.45 11.13
C PHE C 76 5.85 -13.80 9.76
N THR C 77 7.07 -13.83 9.23
CA THR C 77 7.32 -13.31 7.89
C THR C 77 8.11 -14.30 7.03
N LEU C 78 7.73 -14.43 5.76
CA LEU C 78 8.55 -15.06 4.76
C LEU C 78 9.22 -13.97 3.94
N LYS C 79 10.53 -14.06 3.78
CA LYS C 79 11.25 -13.12 2.94
C LYS C 79 11.84 -13.79 1.73
N ILE C 80 11.57 -13.22 0.55
CA ILE C 80 12.21 -13.70 -0.65
C ILE C 80 13.09 -12.61 -1.24
N ASN C 81 14.39 -12.90 -1.31
CA ASN C 81 15.36 -12.02 -1.93
C ASN C 81 15.66 -12.40 -3.37
N ARG C 82 16.08 -11.42 -4.17
CA ARG C 82 16.31 -11.56 -5.61
C ARG C 82 15.28 -12.49 -6.24
N VAL C 83 14.05 -11.99 -6.37
CA VAL C 83 12.93 -12.79 -6.88
C VAL C 83 13.10 -13.19 -8.35
N GLU C 84 13.09 -14.49 -8.60
CA GLU C 84 13.14 -15.02 -9.96
C GLU C 84 11.75 -15.42 -10.47
N ALA C 85 11.67 -15.76 -11.76
CA ALA C 85 10.42 -16.25 -12.36
C ALA C 85 9.89 -17.52 -11.66
N GLU C 86 10.79 -18.41 -11.27
CA GLU C 86 10.45 -19.65 -10.55
C GLU C 86 9.81 -19.41 -9.20
N ASP C 87 9.94 -18.19 -8.68
CA ASP C 87 9.38 -17.85 -7.37
C ASP C 87 7.86 -17.58 -7.38
N LEU C 88 7.27 -17.58 -8.57
CA LEU C 88 5.88 -17.16 -8.72
C LEU C 88 4.88 -18.20 -8.32
N GLY C 89 3.90 -17.80 -7.55
CA GLY C 89 2.84 -18.72 -7.17
C GLY C 89 2.22 -18.23 -5.90
N VAL C 90 1.55 -19.13 -5.20
CA VAL C 90 0.86 -18.77 -3.99
C VAL C 90 1.62 -19.34 -2.82
N TYR C 91 1.89 -18.49 -1.85
CA TYR C 91 2.56 -18.90 -0.65
C TYR C 91 1.53 -19.11 0.46
N TYR C 92 1.69 -20.21 1.21
CA TYR C 92 0.79 -20.50 2.32
C TYR C 92 1.56 -20.75 3.57
N CYS C 93 1.19 -20.07 4.67
CA CYS C 93 1.74 -20.42 5.98
C CYS C 93 0.84 -21.51 6.50
N PHE C 94 1.41 -22.32 7.37
CA PHE C 94 0.73 -23.48 7.91
C PHE C 94 1.20 -23.67 9.32
N GLN C 95 0.27 -24.07 10.18
CA GLN C 95 0.53 -24.23 11.59
C GLN C 95 0.13 -25.64 11.98
N GLY C 96 1.03 -26.31 12.69
CA GLY C 96 0.80 -27.64 13.20
C GLY C 96 0.97 -27.68 14.70
N SER C 97 1.19 -26.52 15.31
CA SER C 97 1.40 -26.47 16.76
C SER C 97 0.21 -27.01 17.52
N HIS C 98 -0.94 -26.33 17.41
CA HIS C 98 -2.14 -26.87 18.07
C HIS C 98 -3.09 -27.62 17.15
N LEU C 99 -3.72 -28.67 17.69
CA LEU C 99 -4.62 -29.54 16.92
C LEU C 99 -5.68 -28.70 16.23
N PRO C 100 -6.54 -29.31 15.41
CA PRO C 100 -6.64 -29.01 14.00
C PRO C 100 -5.52 -28.08 13.54
N PRO C 101 -4.52 -28.62 12.81
CA PRO C 101 -3.61 -27.76 12.05
C PRO C 101 -4.39 -27.00 11.01
N THR C 102 -3.89 -25.85 10.58
CA THR C 102 -4.57 -25.04 9.56
C THR C 102 -3.60 -24.25 8.68
N PHE C 103 -4.06 -23.90 7.47
CA PHE C 103 -3.32 -23.06 6.50
C PHE C 103 -3.83 -21.63 6.58
N GLY C 104 -2.94 -20.67 6.37
CA GLY C 104 -3.39 -19.30 6.08
C GLY C 104 -4.03 -19.26 4.70
N GLY C 105 -4.85 -18.23 4.42
CA GLY C 105 -5.53 -18.08 3.13
C GLY C 105 -4.65 -17.94 1.88
N GLY C 106 -3.34 -17.76 2.02
CA GLY C 106 -2.47 -17.66 0.86
C GLY C 106 -2.17 -16.24 0.37
N THR C 107 -0.97 -16.04 -0.16
CA THR C 107 -0.58 -14.77 -0.76
C THR C 107 -0.11 -15.05 -2.19
N LYS C 108 -0.77 -14.44 -3.17
CA LYS C 108 -0.31 -14.58 -4.53
C LYS C 108 0.89 -13.65 -4.76
N LEU C 109 1.98 -14.23 -5.25
CA LEU C 109 3.14 -13.44 -5.64
C LEU C 109 3.04 -13.04 -7.12
N GLU C 110 2.90 -11.75 -7.36
CA GLU C 110 2.60 -11.26 -8.70
C GLU C 110 3.73 -10.38 -9.27
N ILE C 111 3.97 -10.47 -10.58
CA ILE C 111 4.87 -9.53 -11.24
C ILE C 111 4.25 -8.15 -11.29
N LYS C 112 5.09 -7.13 -11.10
CA LYS C 112 4.68 -5.75 -11.19
C LYS C 112 5.06 -5.15 -12.53
N ARG C 113 4.16 -4.34 -13.07
CA ARG C 113 4.39 -3.63 -14.32
C ARG C 113 3.66 -2.26 -14.30
N ALA C 114 3.92 -1.47 -15.34
CA ALA C 114 3.26 -0.18 -15.53
C ALA C 114 1.75 -0.37 -15.59
N ASP C 115 1.00 0.60 -15.09
CA ASP C 115 -0.46 0.58 -15.21
C ASP C 115 -0.85 0.61 -16.67
N ALA C 116 -1.93 -0.10 -16.98
CA ALA C 116 -2.42 -0.28 -18.33
C ALA C 116 -3.94 -0.29 -18.28
N ALA C 117 -4.55 0.54 -19.12
CA ALA C 117 -6.00 0.61 -19.20
C ALA C 117 -6.52 -0.52 -20.10
N PRO C 118 -7.70 -1.06 -19.78
CA PRO C 118 -8.23 -2.15 -20.60
C PRO C 118 -8.73 -1.70 -22.00
N THR C 119 -8.75 -2.62 -22.96
CA THR C 119 -9.43 -2.43 -24.22
C THR C 119 -10.74 -3.15 -24.03
N VAL C 120 -11.84 -2.40 -24.09
CA VAL C 120 -13.16 -2.97 -23.80
C VAL C 120 -13.95 -3.18 -25.09
N SER C 121 -14.68 -4.30 -25.14
CA SER C 121 -15.56 -4.56 -26.26
C SER C 121 -16.78 -5.24 -25.73
N ILE C 122 -17.94 -4.78 -26.19
CA ILE C 122 -19.21 -5.33 -25.80
C ILE C 122 -19.76 -6.10 -27.01
N PHE C 123 -20.57 -7.11 -26.76
CA PHE C 123 -21.05 -7.92 -27.84
C PHE C 123 -22.48 -8.18 -27.49
N PRO C 124 -23.37 -7.92 -28.44
CA PRO C 124 -24.76 -8.22 -28.19
C PRO C 124 -24.99 -9.70 -28.36
N PRO C 125 -26.13 -10.20 -27.84
CA PRO C 125 -26.45 -11.62 -27.98
C PRO C 125 -26.46 -12.01 -29.43
N SER C 126 -26.05 -13.24 -29.71
CA SER C 126 -26.16 -13.75 -31.05
C SER C 126 -27.61 -14.16 -31.28
N SER C 127 -28.03 -14.14 -32.54
CA SER C 127 -29.40 -14.50 -32.85
C SER C 127 -29.69 -16.00 -32.63
N GLU C 128 -28.65 -16.82 -32.68
CA GLU C 128 -28.88 -18.24 -32.42
C GLU C 128 -29.16 -18.50 -30.93
N GLN C 129 -28.55 -17.72 -30.04
CA GLN C 129 -28.95 -17.74 -28.64
C GLN C 129 -30.39 -17.27 -28.44
N LEU C 130 -30.70 -16.10 -29.00
CA LEU C 130 -32.03 -15.53 -28.89
C LEU C 130 -33.12 -16.57 -29.25
N THR C 131 -32.90 -17.31 -30.34
CA THR C 131 -33.80 -18.39 -30.72
C THR C 131 -34.05 -19.38 -29.56
N SER C 132 -32.98 -19.73 -28.84
CA SER C 132 -33.06 -20.67 -27.71
C SER C 132 -33.81 -20.18 -26.48
N GLY C 133 -34.05 -18.87 -26.35
CA GLY C 133 -34.75 -18.31 -25.20
C GLY C 133 -33.91 -17.40 -24.30
N GLY C 134 -32.60 -17.56 -24.37
CA GLY C 134 -31.68 -16.80 -23.53
C GLY C 134 -31.08 -15.64 -24.28
N ALA C 135 -30.41 -14.76 -23.54
CA ALA C 135 -29.71 -13.62 -24.10
C ALA C 135 -28.57 -13.14 -23.17
N SER C 136 -27.33 -13.41 -23.57
CA SER C 136 -26.18 -13.06 -22.80
C SER C 136 -25.51 -11.96 -23.56
N VAL C 137 -25.35 -10.81 -22.92
CA VAL C 137 -24.56 -9.70 -23.43
C VAL C 137 -23.17 -9.85 -22.84
N VAL C 138 -22.12 -9.66 -23.64
CA VAL C 138 -20.77 -10.03 -23.16
C VAL C 138 -19.78 -8.90 -23.29
N CYS C 139 -19.01 -8.70 -22.25
CA CYS C 139 -18.01 -7.64 -22.24
C CYS C 139 -16.63 -8.25 -22.01
N PHE C 140 -15.66 -7.86 -22.83
CA PHE C 140 -14.30 -8.28 -22.65
C PHE C 140 -13.48 -7.09 -22.24
N LEU C 141 -12.73 -7.24 -21.16
CA LEU C 141 -11.76 -6.21 -20.79
C LEU C 141 -10.38 -6.83 -20.89
N ASN C 142 -9.69 -6.53 -21.97
CA ASN C 142 -8.44 -7.19 -22.25
C ASN C 142 -7.22 -6.40 -21.83
N ASN C 143 -6.19 -7.14 -21.43
CA ASN C 143 -4.86 -6.58 -21.27
C ASN C 143 -4.70 -5.35 -20.34
N PHE C 144 -5.12 -5.47 -19.07
CA PHE C 144 -5.01 -4.35 -18.13
C PHE C 144 -4.14 -4.69 -16.90
N TYR C 145 -3.73 -3.67 -16.18
CA TYR C 145 -2.98 -3.85 -14.96
C TYR C 145 -3.20 -2.60 -14.10
N PRO C 146 -3.40 -2.78 -12.78
CA PRO C 146 -3.46 -4.01 -12.00
C PRO C 146 -4.76 -4.76 -12.12
N LYS C 147 -4.93 -5.81 -11.34
CA LYS C 147 -6.01 -6.76 -11.47
C LYS C 147 -7.35 -6.22 -11.00
N ASP C 148 -7.39 -5.38 -9.94
CA ASP C 148 -8.70 -4.81 -9.52
C ASP C 148 -9.27 -4.03 -10.70
N ILE C 149 -10.55 -4.24 -10.93
CA ILE C 149 -11.26 -3.55 -11.95
C ILE C 149 -12.73 -3.74 -11.66
N ASN C 150 -13.52 -2.73 -11.94
CA ASN C 150 -14.94 -2.77 -11.69
C ASN C 150 -15.74 -2.72 -12.97
N VAL C 151 -16.59 -3.71 -13.18
CA VAL C 151 -17.49 -3.66 -14.32
C VAL C 151 -18.87 -3.35 -13.81
N LYS C 152 -19.54 -2.40 -14.45
CA LYS C 152 -20.89 -2.00 -14.11
C LYS C 152 -21.68 -2.15 -15.38
N TRP C 153 -22.79 -2.86 -15.30
CA TRP C 153 -23.68 -3.08 -16.42
C TRP C 153 -24.85 -2.13 -16.26
N LYS C 154 -25.28 -1.56 -17.39
CA LYS C 154 -26.41 -0.63 -17.36
C LYS C 154 -27.41 -1.02 -18.45
N ILE C 155 -28.70 -0.85 -18.16
CA ILE C 155 -29.72 -1.15 -19.13
C ILE C 155 -30.60 0.09 -19.18
N ASP C 156 -30.72 0.70 -20.37
CA ASP C 156 -31.37 2.02 -20.54
C ASP C 156 -30.85 2.96 -19.46
N GLY C 157 -29.57 2.82 -19.12
CA GLY C 157 -28.86 3.66 -18.16
C GLY C 157 -29.17 3.34 -16.70
N SER C 158 -29.72 2.15 -16.47
CA SER C 158 -30.08 1.69 -15.14
C SER C 158 -29.20 0.51 -14.75
N GLU C 159 -28.59 0.60 -13.57
CA GLU C 159 -27.62 -0.43 -13.17
C GLU C 159 -28.27 -1.80 -12.94
N ARG C 160 -27.59 -2.85 -13.40
CA ARG C 160 -28.03 -4.22 -13.26
C ARG C 160 -26.93 -5.06 -12.60
N GLN C 161 -27.29 -5.79 -11.55
CA GLN C 161 -26.35 -6.57 -10.75
C GLN C 161 -26.62 -8.07 -10.91
N ASN C 162 -27.90 -8.43 -10.75
CA ASN C 162 -28.41 -9.77 -11.03
C ASN C 162 -27.97 -10.34 -12.38
N GLY C 163 -27.48 -11.58 -12.33
CA GLY C 163 -27.12 -12.30 -13.53
C GLY C 163 -25.81 -11.86 -14.17
N VAL C 164 -24.89 -11.29 -13.38
CA VAL C 164 -23.57 -10.96 -13.92
C VAL C 164 -22.57 -12.02 -13.49
N LEU C 165 -21.71 -12.46 -14.41
CA LEU C 165 -20.66 -13.40 -14.08
C LEU C 165 -19.37 -12.89 -14.62
N ASN C 166 -18.33 -12.92 -13.80
CA ASN C 166 -17.05 -12.34 -14.21
C ASN C 166 -15.96 -13.37 -14.08
N SER C 167 -14.96 -13.30 -14.94
CA SER C 167 -13.98 -14.35 -15.01
C SER C 167 -12.64 -13.76 -15.37
N TRP C 168 -11.66 -13.87 -14.50
CA TRP C 168 -10.35 -13.30 -14.77
C TRP C 168 -9.41 -14.35 -15.31
N THR C 169 -8.52 -13.97 -16.20
CA THR C 169 -7.43 -14.84 -16.58
C THR C 169 -6.34 -14.71 -15.52
N ASP C 170 -5.47 -15.71 -15.44
CA ASP C 170 -4.23 -15.58 -14.70
C ASP C 170 -3.35 -14.53 -15.41
N GLN C 171 -2.32 -14.04 -14.74
CA GLN C 171 -1.43 -13.06 -15.35
C GLN C 171 -0.82 -13.63 -16.64
N ASP C 172 -0.78 -12.81 -17.69
CA ASP C 172 -0.13 -13.18 -18.94
C ASP C 172 1.37 -13.27 -18.69
N SER C 173 1.99 -14.36 -19.12
CA SER C 173 3.46 -14.52 -18.93
C SER C 173 4.31 -13.60 -19.81
N LYS C 174 3.72 -13.10 -20.89
CA LYS C 174 4.46 -12.28 -21.86
C LYS C 174 4.45 -10.79 -21.50
N ASP C 175 3.25 -10.22 -21.36
CA ASP C 175 3.12 -8.79 -21.06
C ASP C 175 2.72 -8.48 -19.59
N SER C 176 2.39 -9.53 -18.83
CA SER C 176 2.11 -9.41 -17.40
C SER C 176 0.81 -8.67 -17.06
N THR C 177 -0.10 -8.62 -18.01
CA THR C 177 -1.41 -8.02 -17.75
C THR C 177 -2.50 -9.08 -17.50
N TYR C 178 -3.67 -8.61 -17.11
CA TYR C 178 -4.84 -9.44 -16.83
C TYR C 178 -5.90 -9.12 -17.85
N SER C 179 -6.82 -10.06 -18.03
CA SER C 179 -7.95 -9.88 -18.91
C SER C 179 -9.11 -10.38 -18.15
N MET C 180 -10.26 -9.77 -18.34
CA MET C 180 -11.44 -10.34 -17.73
C MET C 180 -12.64 -10.28 -18.65
N SER C 181 -13.59 -11.12 -18.36
CA SER C 181 -14.77 -11.18 -19.16
C SER C 181 -15.97 -11.09 -18.23
N SER C 182 -16.94 -10.26 -18.59
CA SER C 182 -18.13 -10.07 -17.79
C SER C 182 -19.28 -10.39 -18.67
N THR C 183 -20.27 -11.08 -18.12
CA THR C 183 -21.38 -11.55 -18.92
C THR C 183 -22.65 -11.28 -18.18
N LEU C 184 -23.59 -10.63 -18.84
CA LEU C 184 -24.88 -10.35 -18.27
C LEU C 184 -25.90 -11.27 -18.95
N THR C 185 -26.58 -12.11 -18.19
CA THR C 185 -27.51 -13.06 -18.79
C THR C 185 -28.94 -12.71 -18.42
N LEU C 186 -29.75 -12.39 -19.43
CA LEU C 186 -31.18 -12.16 -19.25
C LEU C 186 -31.95 -13.15 -20.10
N THR C 187 -33.27 -13.14 -19.96
CA THR C 187 -34.10 -13.92 -20.86
C THR C 187 -34.33 -13.09 -22.11
N LYS C 188 -34.62 -13.76 -23.22
CA LYS C 188 -34.91 -13.04 -24.47
C LYS C 188 -35.98 -11.98 -24.18
N ASP C 189 -37.04 -12.39 -23.52
CA ASP C 189 -38.13 -11.48 -23.25
C ASP C 189 -37.66 -10.23 -22.51
N GLU C 190 -36.84 -10.41 -21.46
CA GLU C 190 -36.24 -9.27 -20.73
C GLU C 190 -35.39 -8.43 -21.67
N TYR C 191 -34.56 -9.08 -22.45
CA TYR C 191 -33.62 -8.37 -23.27
C TYR C 191 -34.34 -7.49 -24.31
N GLU C 192 -35.37 -8.03 -24.93
CA GLU C 192 -36.06 -7.32 -26.01
C GLU C 192 -36.91 -6.12 -25.58
N ARG C 193 -37.08 -5.91 -24.28
CA ARG C 193 -37.91 -4.81 -23.90
C ARG C 193 -37.10 -3.56 -23.48
N HIS C 194 -35.78 -3.58 -23.72
CA HIS C 194 -34.96 -2.38 -23.54
C HIS C 194 -34.10 -2.07 -24.75
N ASN C 195 -33.66 -0.82 -24.80
CA ASN C 195 -32.92 -0.31 -25.92
C ASN C 195 -31.38 -0.40 -25.76
N SER C 196 -30.81 0.13 -24.67
CA SER C 196 -29.34 0.23 -24.52
C SER C 196 -28.71 -0.74 -23.54
N TYR C 197 -27.51 -1.20 -23.87
CA TYR C 197 -26.75 -2.07 -23.01
C TYR C 197 -25.38 -1.47 -22.93
N THR C 198 -24.92 -1.26 -21.71
CA THR C 198 -23.70 -0.55 -21.47
C THR C 198 -22.84 -1.31 -20.49
N CYS C 199 -21.56 -1.34 -20.84
CA CYS C 199 -20.48 -1.88 -20.07
C CYS C 199 -19.62 -0.72 -19.59
N GLU C 200 -19.39 -0.63 -18.29
CA GLU C 200 -18.53 0.43 -17.72
C GLU C 200 -17.46 -0.18 -16.85
N ALA C 201 -16.21 0.05 -17.23
CA ALA C 201 -15.07 -0.50 -16.52
C ALA C 201 -14.37 0.63 -15.76
N THR C 202 -14.36 0.55 -14.42
CA THR C 202 -13.60 1.52 -13.62
C THR C 202 -12.29 0.87 -13.22
N HIS C 203 -11.20 1.59 -13.44
CA HIS C 203 -9.88 1.06 -13.21
C HIS C 203 -8.94 2.20 -12.87
N LYS C 204 -8.01 1.93 -11.96
CA LYS C 204 -7.10 2.93 -11.42
C LYS C 204 -6.34 3.75 -12.45
N THR C 205 -6.29 3.28 -13.69
CA THR C 205 -5.64 4.04 -14.77
C THR C 205 -6.37 5.37 -15.08
N SER C 206 -7.62 5.47 -14.61
CA SER C 206 -8.48 6.64 -14.81
C SER C 206 -9.55 6.79 -13.73
N THR C 207 -9.92 8.03 -13.41
CA THR C 207 -11.12 8.31 -12.63
C THR C 207 -12.35 8.30 -13.53
N SER C 208 -12.18 8.65 -14.81
CA SER C 208 -13.20 8.41 -15.84
C SER C 208 -13.33 6.93 -16.13
N PRO C 209 -14.56 6.40 -16.06
CA PRO C 209 -14.81 5.02 -16.49
C PRO C 209 -14.70 4.86 -18.00
N ILE C 210 -14.30 3.68 -18.45
CA ILE C 210 -14.37 3.35 -19.86
C ILE C 210 -15.72 2.69 -20.18
N VAL C 211 -16.46 3.31 -21.08
CA VAL C 211 -17.85 2.94 -21.38
C VAL C 211 -17.98 2.43 -22.80
N LYS C 212 -18.63 1.30 -22.97
CA LYS C 212 -18.86 0.75 -24.27
C LYS C 212 -20.31 0.29 -24.32
N SER C 213 -21.02 0.59 -25.40
CA SER C 213 -22.44 0.29 -25.44
C SER C 213 -22.95 -0.06 -26.80
N PHE C 214 -24.17 -0.56 -26.86
CA PHE C 214 -24.88 -0.67 -28.13
C PHE C 214 -26.37 -0.48 -27.91
N ASN C 215 -27.08 -0.03 -28.93
CA ASN C 215 -28.54 -0.08 -28.96
C ASN C 215 -29.00 -1.33 -29.71
N ARG C 216 -30.13 -1.91 -29.30
CA ARG C 216 -30.72 -3.01 -30.07
C ARG C 216 -31.18 -2.64 -31.48
N ASN C 217 -31.50 -1.36 -31.70
CA ASN C 217 -31.88 -0.89 -33.06
C ASN C 217 -30.73 -0.91 -34.06
N GLN D 1 13.40 -43.57 -4.45
CA GLN D 1 12.55 -42.44 -4.91
C GLN D 1 11.17 -42.50 -4.29
N VAL D 2 10.79 -41.43 -3.60
CA VAL D 2 9.52 -41.36 -2.86
C VAL D 2 8.37 -40.79 -3.71
N GLN D 3 7.30 -41.58 -3.85
CA GLN D 3 6.13 -41.18 -4.67
C GLN D 3 4.78 -41.35 -3.96
N LEU D 4 3.84 -40.44 -4.28
CA LEU D 4 2.46 -40.55 -3.83
C LEU D 4 1.56 -40.34 -5.03
N LYS D 5 0.49 -41.13 -5.11
CA LYS D 5 -0.40 -41.13 -6.27
C LYS D 5 -1.84 -41.41 -5.92
N GLU D 6 -2.68 -40.41 -6.10
CA GLU D 6 -4.11 -40.51 -5.77
C GLU D 6 -4.90 -41.00 -6.96
N SER D 7 -5.79 -41.95 -6.72
CA SER D 7 -6.82 -42.30 -7.69
C SER D 7 -8.19 -42.06 -7.08
N GLY D 8 -9.04 -41.42 -7.85
CA GLY D 8 -10.38 -41.08 -7.40
C GLY D 8 -11.39 -41.31 -8.50
N PRO D 9 -12.67 -41.04 -8.22
CA PRO D 9 -13.74 -41.28 -9.18
C PRO D 9 -13.82 -40.22 -10.27
N GLY D 10 -13.47 -38.98 -9.95
CA GLY D 10 -13.69 -37.85 -10.87
C GLY D 10 -15.00 -37.15 -10.52
N LEU D 11 -16.10 -37.65 -11.08
CA LEU D 11 -17.43 -37.11 -10.81
C LEU D 11 -18.24 -37.95 -9.82
N VAL D 12 -18.91 -37.30 -8.86
CA VAL D 12 -19.82 -37.96 -7.91
C VAL D 12 -21.10 -37.14 -7.62
N ALA D 13 -22.24 -37.84 -7.49
CA ALA D 13 -23.54 -37.21 -7.23
C ALA D 13 -23.64 -36.65 -5.80
N PRO D 14 -24.34 -35.52 -5.62
CA PRO D 14 -24.27 -34.72 -4.39
C PRO D 14 -24.98 -35.25 -3.13
N SER D 15 -24.90 -36.56 -2.87
CA SER D 15 -25.27 -37.12 -1.55
C SER D 15 -24.69 -38.51 -1.41
N GLN D 16 -23.94 -38.91 -2.43
CA GLN D 16 -23.29 -40.20 -2.51
C GLN D 16 -22.01 -40.13 -1.68
N SER D 17 -21.19 -41.17 -1.80
CA SER D 17 -19.90 -41.24 -1.12
C SER D 17 -18.72 -41.11 -2.05
N LEU D 18 -17.66 -40.55 -1.50
CA LEU D 18 -16.40 -40.37 -2.19
C LEU D 18 -15.40 -41.29 -1.53
N SER D 19 -14.63 -42.00 -2.35
CA SER D 19 -13.53 -42.82 -1.86
C SER D 19 -12.30 -42.60 -2.74
N ILE D 20 -11.28 -42.04 -2.13
CA ILE D 20 -10.01 -41.83 -2.79
C ILE D 20 -8.92 -42.73 -2.19
N THR D 21 -8.24 -43.48 -3.05
CA THR D 21 -7.06 -44.22 -2.61
C THR D 21 -5.79 -43.45 -2.98
N CYS D 22 -4.83 -43.45 -2.07
CA CYS D 22 -3.51 -42.90 -2.33
C CYS D 22 -2.52 -44.02 -2.14
N THR D 23 -1.92 -44.49 -3.24
CA THR D 23 -0.89 -45.53 -3.15
C THR D 23 0.47 -44.89 -2.99
N VAL D 24 1.32 -45.54 -2.20
CA VAL D 24 2.57 -44.97 -1.77
C VAL D 24 3.73 -45.77 -2.33
N SER D 25 4.79 -45.07 -2.70
CA SER D 25 5.99 -45.71 -3.23
C SER D 25 7.24 -45.10 -2.60
N GLY D 26 8.24 -45.94 -2.33
CA GLY D 26 9.55 -45.51 -1.84
C GLY D 26 9.69 -45.36 -0.34
N PHE D 27 8.62 -45.64 0.40
CA PHE D 27 8.63 -45.58 1.87
C PHE D 27 7.47 -46.34 2.50
N SER D 28 7.63 -46.71 3.77
CA SER D 28 6.63 -47.52 4.46
C SER D 28 5.65 -46.70 5.29
N LEU D 29 4.40 -47.15 5.31
CA LEU D 29 3.34 -46.48 6.07
C LEU D 29 3.36 -46.80 7.57
N THR D 30 4.27 -47.67 7.99
CA THR D 30 4.49 -47.93 9.41
C THR D 30 5.49 -46.94 10.01
N ASN D 31 6.22 -46.25 9.14
CA ASN D 31 7.23 -45.28 9.56
C ASN D 31 6.70 -43.87 9.61
N TYR D 32 5.89 -43.50 8.62
CA TYR D 32 5.43 -42.12 8.49
C TYR D 32 3.91 -42.01 8.51
N GLY D 33 3.43 -40.81 8.85
CA GLY D 33 2.02 -40.46 8.77
C GLY D 33 1.72 -39.76 7.46
N VAL D 34 0.45 -39.77 7.08
CA VAL D 34 0.01 -39.25 5.78
C VAL D 34 -1.14 -38.25 5.97
N ASP D 35 -0.95 -37.04 5.46
CA ASP D 35 -1.97 -36.01 5.53
C ASP D 35 -2.80 -36.04 4.26
N TRP D 36 -4.11 -35.80 4.39
CA TRP D 36 -4.93 -35.43 3.25
C TRP D 36 -5.18 -33.94 3.30
N VAL D 37 -5.02 -33.28 2.16
CA VAL D 37 -5.26 -31.84 1.99
C VAL D 37 -6.16 -31.67 0.77
N ARG D 38 -7.04 -30.67 0.81
CA ARG D 38 -7.85 -30.39 -0.37
C ARG D 38 -7.83 -28.93 -0.73
N GLN D 39 -8.20 -28.65 -1.99
CA GLN D 39 -8.22 -27.29 -2.53
C GLN D 39 -9.41 -27.13 -3.47
N PRO D 40 -10.46 -26.40 -3.04
CA PRO D 40 -11.60 -26.09 -3.89
C PRO D 40 -11.20 -25.16 -5.03
N PRO D 41 -11.90 -25.24 -6.18
CA PRO D 41 -11.56 -24.40 -7.35
C PRO D 41 -11.36 -22.96 -6.96
N GLY D 42 -10.16 -22.44 -7.18
CA GLY D 42 -9.87 -21.05 -6.92
C GLY D 42 -9.81 -20.66 -5.46
N LYS D 43 -9.68 -21.64 -4.56
CA LYS D 43 -9.56 -21.33 -3.13
C LYS D 43 -8.23 -21.78 -2.53
N GLY D 44 -7.98 -21.36 -1.30
CA GLY D 44 -6.75 -21.74 -0.59
C GLY D 44 -6.79 -23.19 -0.22
N LEU D 45 -5.68 -23.70 0.31
CA LEU D 45 -5.58 -25.09 0.78
C LEU D 45 -6.29 -25.32 2.11
N GLU D 46 -6.92 -26.48 2.26
CA GLU D 46 -7.55 -26.89 3.52
C GLU D 46 -6.91 -28.18 3.98
N TRP D 47 -6.57 -28.27 5.25
CA TRP D 47 -6.09 -29.52 5.78
C TRP D 47 -7.32 -30.33 6.08
N VAL D 48 -7.34 -31.55 5.57
CA VAL D 48 -8.50 -32.41 5.74
C VAL D 48 -8.36 -33.36 6.93
N GLY D 49 -7.20 -34.01 7.04
CA GLY D 49 -7.01 -35.05 8.03
C GLY D 49 -5.65 -35.70 7.95
N VAL D 50 -5.35 -36.52 8.95
CA VAL D 50 -4.12 -37.29 8.99
C VAL D 50 -4.37 -38.70 9.47
N ILE D 51 -3.64 -39.65 8.90
CA ILE D 51 -3.49 -40.96 9.52
C ILE D 51 -2.03 -41.13 9.95
N TRP D 52 -1.82 -41.37 11.23
CA TRP D 52 -0.47 -41.56 11.77
C TRP D 52 0.03 -42.96 11.44
N SER D 53 1.36 -43.12 11.48
CA SER D 53 1.97 -44.42 11.21
C SER D 53 1.45 -45.46 12.18
N GLY D 54 1.18 -45.05 13.42
CA GLY D 54 0.48 -45.88 14.39
C GLY D 54 -0.79 -46.48 13.83
N GLY D 55 -1.67 -45.62 13.33
CA GLY D 55 -2.93 -46.04 12.72
C GLY D 55 -4.12 -45.21 13.18
N SER D 56 -3.83 -44.21 14.02
CA SER D 56 -4.84 -43.31 14.54
C SER D 56 -5.01 -42.07 13.65
N THR D 57 -6.15 -41.40 13.81
CA THR D 57 -6.57 -40.35 12.88
C THR D 57 -7.01 -39.05 13.56
N ASN D 58 -6.83 -37.95 12.86
CA ASN D 58 -7.37 -36.65 13.25
C ASN D 58 -8.00 -35.98 12.06
N TYR D 59 -9.17 -35.39 12.29
CA TYR D 59 -9.90 -34.77 11.20
C TYR D 59 -10.10 -33.28 11.40
N ASN D 60 -10.14 -32.58 10.28
CA ASN D 60 -10.56 -31.20 10.16
C ASN D 60 -11.93 -30.95 10.85
N SER D 61 -12.03 -29.86 11.61
CA SER D 61 -13.23 -29.52 12.38
C SER D 61 -14.51 -29.52 11.58
N ALA D 62 -14.48 -28.85 10.43
CA ALA D 62 -15.66 -28.70 9.57
C ALA D 62 -16.14 -30.01 8.96
N LEU D 63 -15.21 -30.90 8.62
CA LEU D 63 -15.53 -32.11 7.88
C LEU D 63 -15.52 -33.35 8.74
N MET D 64 -15.22 -33.19 10.02
CA MET D 64 -14.90 -34.33 10.90
C MET D 64 -15.97 -35.41 11.06
N SER D 65 -17.20 -35.12 10.71
CA SER D 65 -18.28 -36.06 10.97
C SER D 65 -18.67 -36.86 9.72
N ARG D 66 -18.06 -36.52 8.58
CA ARG D 66 -18.32 -37.17 7.30
C ARG D 66 -17.09 -37.92 6.83
N LEU D 67 -15.97 -37.63 7.46
CA LEU D 67 -14.70 -38.24 7.13
C LEU D 67 -14.40 -39.53 7.86
N SER D 68 -13.89 -40.49 7.11
CA SER D 68 -13.11 -41.56 7.69
C SER D 68 -11.87 -41.77 6.83
N ILE D 69 -10.76 -42.03 7.51
CA ILE D 69 -9.49 -42.30 6.87
C ILE D 69 -8.99 -43.64 7.38
N SER D 70 -8.80 -44.58 6.46
CA SER D 70 -8.20 -45.85 6.79
C SER D 70 -6.89 -46.04 6.01
N LYS D 71 -6.45 -47.28 5.89
CA LYS D 71 -5.07 -47.58 5.51
C LYS D 71 -4.91 -49.10 5.45
N ASP D 72 -4.17 -49.56 4.44
CA ASP D 72 -3.69 -50.93 4.38
C ASP D 72 -2.17 -50.89 4.27
N ASN D 73 -1.49 -51.23 5.37
CA ASN D 73 -0.04 -51.12 5.44
C ASN D 73 0.66 -52.02 4.44
N SER D 74 0.13 -53.24 4.31
CA SER D 74 0.65 -54.27 3.43
C SER D 74 0.65 -53.83 1.96
N LYS D 75 -0.42 -53.15 1.56
CA LYS D 75 -0.62 -52.74 0.17
C LYS D 75 -0.08 -51.33 -0.16
N SER D 76 0.47 -50.65 0.86
CA SER D 76 0.99 -49.29 0.75
C SER D 76 -0.06 -48.29 0.25
N GLN D 77 -1.29 -48.45 0.74
CA GLN D 77 -2.42 -47.63 0.30
C GLN D 77 -3.12 -46.94 1.45
N VAL D 78 -3.53 -45.70 1.19
CA VAL D 78 -4.23 -44.88 2.17
C VAL D 78 -5.58 -44.48 1.60
N PHE D 79 -6.62 -44.66 2.39
CA PHE D 79 -7.97 -44.44 1.91
C PHE D 79 -8.65 -43.28 2.62
N LEU D 80 -9.38 -42.49 1.85
CA LEU D 80 -10.19 -41.41 2.39
C LEU D 80 -11.62 -41.69 1.97
N LYS D 81 -12.50 -41.85 2.94
CA LYS D 81 -13.91 -42.00 2.66
C LYS D 81 -14.60 -40.72 3.08
N MET D 82 -15.67 -40.36 2.39
CA MET D 82 -16.42 -39.17 2.75
C MET D 82 -17.89 -39.34 2.43
N ASN D 83 -18.72 -39.20 3.45
CA ASN D 83 -20.16 -39.45 3.35
C ASN D 83 -20.98 -38.18 3.12
N SER D 84 -22.18 -38.33 2.56
CA SER D 84 -23.15 -37.24 2.38
C SER D 84 -22.56 -35.98 1.73
N LEU D 85 -21.97 -36.19 0.54
CA LEU D 85 -21.21 -35.16 -0.17
C LEU D 85 -21.98 -33.92 -0.50
N GLN D 86 -21.35 -32.77 -0.31
CA GLN D 86 -21.93 -31.49 -0.69
C GLN D 86 -21.30 -30.99 -1.97
N THR D 87 -22.01 -30.10 -2.63
CA THR D 87 -21.50 -29.44 -3.81
C THR D 87 -20.18 -28.74 -3.49
N ASP D 88 -20.07 -28.20 -2.26
CA ASP D 88 -18.86 -27.59 -1.67
C ASP D 88 -17.68 -28.52 -1.64
N ASP D 89 -17.89 -29.82 -1.66
CA ASP D 89 -16.78 -30.76 -1.55
C ASP D 89 -15.95 -30.84 -2.84
N THR D 90 -16.42 -30.17 -3.89
CA THR D 90 -15.69 -30.09 -5.14
C THR D 90 -14.32 -29.54 -4.83
N ALA D 91 -13.28 -30.31 -5.13
CA ALA D 91 -11.91 -29.89 -4.88
C ALA D 91 -10.93 -30.82 -5.55
N VAL D 92 -9.70 -30.35 -5.68
CA VAL D 92 -8.58 -31.25 -5.92
C VAL D 92 -8.11 -31.76 -4.56
N TYR D 93 -8.01 -33.10 -4.44
CA TYR D 93 -7.59 -33.78 -3.21
C TYR D 93 -6.18 -34.30 -3.35
N TYR D 94 -5.32 -33.90 -2.41
CA TYR D 94 -3.92 -34.30 -2.35
C TYR D 94 -3.68 -35.21 -1.15
N CYS D 95 -2.71 -36.11 -1.26
CA CYS D 95 -2.12 -36.76 -0.09
C CYS D 95 -0.67 -36.30 0.04
N ALA D 96 -0.20 -36.22 1.28
CA ALA D 96 1.15 -35.77 1.59
C ALA D 96 1.70 -36.58 2.76
N LYS D 97 3.00 -36.87 2.74
CA LYS D 97 3.62 -37.57 3.85
C LYS D 97 4.31 -36.62 4.81
N HIS D 98 4.33 -37.00 6.08
CA HIS D 98 5.03 -36.21 7.08
C HIS D 98 6.51 -36.44 6.94
N TRP D 99 7.27 -35.37 7.06
CA TRP D 99 8.70 -35.47 7.00
C TRP D 99 9.24 -35.92 8.35
N GLY D 100 8.60 -35.44 9.42
CA GLY D 100 8.87 -35.95 10.77
C GLY D 100 8.21 -37.30 10.97
N GLY D 101 9.03 -38.31 11.23
CA GLY D 101 8.55 -39.69 11.34
C GLY D 101 7.64 -40.03 12.50
N TYR D 102 7.83 -39.38 13.65
CA TYR D 102 7.07 -39.67 14.86
C TYR D 102 5.75 -38.88 14.95
N TYR D 103 5.29 -38.66 16.17
CA TYR D 103 4.03 -37.95 16.39
C TYR D 103 4.11 -36.46 16.04
N ILE D 104 5.31 -35.89 16.15
CA ILE D 104 5.49 -34.46 15.87
C ILE D 104 6.22 -34.21 14.54
N PRO D 105 5.46 -33.82 13.49
CA PRO D 105 6.04 -33.59 12.16
C PRO D 105 6.59 -32.17 11.98
N TYR D 106 7.59 -32.03 11.13
CA TYR D 106 8.22 -30.75 10.91
C TYR D 106 7.57 -30.07 9.71
N GLY D 107 6.95 -30.89 8.87
CA GLY D 107 6.35 -30.41 7.63
C GLY D 107 5.87 -31.53 6.72
N MET D 108 5.26 -31.14 5.61
CA MET D 108 4.76 -32.12 4.67
C MET D 108 5.74 -32.29 3.52
N ASP D 109 6.27 -33.50 3.45
CA ASP D 109 7.48 -33.84 2.75
C ASP D 109 7.30 -33.81 1.23
N HIS D 110 6.71 -34.88 0.72
CA HIS D 110 6.35 -34.99 -0.68
C HIS D 110 4.84 -35.03 -0.73
N TRP D 111 4.31 -34.69 -1.90
CA TRP D 111 2.88 -34.60 -2.14
C TRP D 111 2.54 -35.43 -3.35
N GLY D 112 1.31 -35.94 -3.41
CA GLY D 112 0.80 -36.49 -4.65
C GLY D 112 0.56 -35.39 -5.68
N GLN D 113 0.22 -35.81 -6.88
CA GLN D 113 -0.17 -34.90 -7.95
C GLN D 113 -1.56 -34.27 -7.71
N GLY D 114 -2.38 -34.93 -6.89
CA GLY D 114 -3.71 -34.42 -6.63
C GLY D 114 -4.68 -35.06 -7.57
N THR D 115 -5.95 -35.03 -7.21
CA THR D 115 -6.99 -35.67 -7.99
C THR D 115 -8.26 -34.80 -7.91
N THR D 116 -8.82 -34.49 -9.07
CA THR D 116 -10.07 -33.72 -9.15
C THR D 116 -11.34 -34.48 -8.79
N VAL D 117 -12.06 -33.96 -7.81
CA VAL D 117 -13.35 -34.51 -7.45
C VAL D 117 -14.38 -33.44 -7.73
N THR D 118 -15.36 -33.80 -8.55
CA THR D 118 -16.43 -32.89 -8.88
C THR D 118 -17.75 -33.44 -8.34
N VAL D 119 -18.43 -32.65 -7.51
CA VAL D 119 -19.67 -33.11 -6.91
C VAL D 119 -20.88 -32.38 -7.51
N SER D 120 -21.58 -33.05 -8.43
CA SER D 120 -22.90 -32.59 -8.91
C SER D 120 -23.79 -33.73 -9.39
N SER D 121 -25.06 -33.40 -9.64
CA SER D 121 -26.04 -34.34 -10.16
C SER D 121 -26.29 -34.07 -11.63
N ALA D 122 -25.44 -33.23 -12.18
CA ALA D 122 -25.53 -32.84 -13.58
C ALA D 122 -25.13 -34.00 -14.47
N LYS D 123 -25.63 -33.99 -15.69
CA LYS D 123 -25.33 -35.06 -16.63
C LYS D 123 -24.50 -34.46 -17.73
N THR D 124 -23.82 -35.33 -18.48
CA THR D 124 -23.03 -34.91 -19.62
C THR D 124 -23.91 -34.13 -20.57
N THR D 125 -23.53 -32.87 -20.79
CA THR D 125 -24.24 -31.99 -21.71
C THR D 125 -23.20 -31.34 -22.61
N PRO D 126 -23.38 -31.47 -23.94
CA PRO D 126 -22.55 -30.72 -24.88
C PRO D 126 -22.80 -29.22 -24.71
N PRO D 127 -21.80 -28.37 -25.05
CA PRO D 127 -21.95 -26.92 -24.95
C PRO D 127 -22.73 -26.33 -26.11
N SER D 128 -23.42 -25.23 -25.83
CA SER D 128 -23.93 -24.32 -26.87
C SER D 128 -22.83 -23.33 -27.16
N VAL D 129 -22.55 -23.08 -28.43
CA VAL D 129 -21.52 -22.13 -28.79
C VAL D 129 -22.15 -20.93 -29.49
N TYR D 130 -21.81 -19.74 -29.05
CA TYR D 130 -22.39 -18.56 -29.66
C TYR D 130 -21.30 -17.59 -30.04
N PRO D 131 -21.38 -17.06 -31.27
CA PRO D 131 -20.33 -16.18 -31.77
C PRO D 131 -20.37 -14.83 -31.07
N LEU D 132 -19.24 -14.17 -30.98
CA LEU D 132 -19.23 -12.84 -30.39
C LEU D 132 -18.61 -11.90 -31.37
N ALA D 133 -19.46 -11.16 -32.05
CA ALA D 133 -19.04 -10.32 -33.15
C ALA D 133 -19.45 -8.86 -32.91
N PRO D 134 -18.57 -7.93 -33.27
CA PRO D 134 -18.91 -6.52 -33.10
C PRO D 134 -20.26 -6.17 -33.74
N GLY D 135 -20.93 -5.17 -33.15
CA GLY D 135 -22.15 -4.51 -33.68
C GLY D 135 -22.73 -5.16 -34.92
N CYS D 136 -22.51 -4.55 -36.07
CA CYS D 136 -22.70 -5.28 -37.33
C CYS D 136 -21.50 -5.13 -38.28
N GLY D 137 -20.36 -5.61 -37.82
CA GLY D 137 -19.12 -5.49 -38.55
C GLY D 137 -18.42 -4.16 -38.36
N ASP D 138 -18.98 -3.33 -37.46
CA ASP D 138 -18.43 -2.01 -37.13
C ASP D 138 -17.00 -2.14 -36.59
N THR D 139 -16.11 -1.26 -37.07
CA THR D 139 -14.69 -1.27 -36.70
C THR D 139 -14.06 0.13 -36.64
N THR D 140 -13.01 0.24 -35.83
CA THR D 140 -12.03 1.34 -35.93
C THR D 140 -10.70 0.88 -35.34
N GLY D 141 -9.61 1.53 -35.72
CA GLY D 141 -8.28 1.11 -35.28
C GLY D 141 -7.87 -0.20 -35.92
N SER D 142 -6.57 -0.45 -35.97
CA SER D 142 -6.05 -1.57 -36.74
C SER D 142 -6.31 -3.00 -36.18
N SER D 143 -7.21 -3.14 -35.20
CA SER D 143 -7.56 -4.49 -34.73
C SER D 143 -8.99 -4.69 -34.19
N VAL D 144 -9.43 -5.94 -34.21
CA VAL D 144 -10.81 -6.29 -33.89
C VAL D 144 -10.79 -7.47 -32.94
N THR D 145 -11.51 -7.35 -31.83
CA THR D 145 -11.64 -8.46 -30.90
C THR D 145 -12.92 -9.19 -31.24
N LEU D 146 -12.83 -10.50 -31.31
CA LEU D 146 -13.98 -11.32 -31.55
C LEU D 146 -14.00 -12.39 -30.44
N GLY D 147 -15.08 -13.15 -30.34
CA GLY D 147 -15.22 -14.09 -29.26
C GLY D 147 -16.14 -15.25 -29.59
N CYS D 148 -16.12 -16.25 -28.72
CA CYS D 148 -17.06 -17.36 -28.70
C CYS D 148 -17.48 -17.54 -27.24
N LEU D 149 -18.78 -17.68 -27.01
CA LEU D 149 -19.30 -17.93 -25.70
C LEU D 149 -19.75 -19.39 -25.68
N VAL D 150 -19.21 -20.14 -24.72
CA VAL D 150 -19.42 -21.57 -24.69
C VAL D 150 -20.19 -21.85 -23.43
N LYS D 151 -21.47 -22.16 -23.57
CA LYS D 151 -22.41 -22.06 -22.45
C LYS D 151 -23.15 -23.38 -22.22
N GLY D 152 -23.40 -23.69 -20.96
CA GLY D 152 -24.24 -24.84 -20.61
C GLY D 152 -23.68 -26.22 -20.86
N TYR D 153 -22.37 -26.41 -20.73
CA TYR D 153 -21.78 -27.74 -20.87
C TYR D 153 -21.45 -28.42 -19.53
N PHE D 154 -21.17 -29.72 -19.60
CA PHE D 154 -20.73 -30.50 -18.45
C PHE D 154 -20.27 -31.88 -18.92
N PRO D 155 -19.17 -32.40 -18.34
CA PRO D 155 -18.27 -31.71 -17.40
C PRO D 155 -17.22 -30.79 -18.05
N GLU D 156 -16.36 -30.20 -17.23
CA GLU D 156 -15.12 -29.59 -17.72
C GLU D 156 -14.25 -30.64 -18.44
N PRO D 157 -13.38 -30.18 -19.37
CA PRO D 157 -13.37 -28.87 -19.94
C PRO D 157 -13.67 -28.90 -21.43
N VAL D 158 -13.56 -27.74 -22.07
CA VAL D 158 -13.66 -27.61 -23.49
C VAL D 158 -12.34 -27.02 -23.96
N THR D 159 -12.03 -27.17 -25.25
CA THR D 159 -10.89 -26.45 -25.83
C THR D 159 -11.41 -25.64 -27.00
N VAL D 160 -11.11 -24.34 -26.99
CA VAL D 160 -11.48 -23.50 -28.09
C VAL D 160 -10.28 -23.26 -28.98
N THR D 161 -10.36 -23.70 -30.22
CA THR D 161 -9.30 -23.46 -31.20
C THR D 161 -9.74 -22.36 -32.18
N TRP D 162 -8.85 -21.45 -32.57
CA TRP D 162 -9.18 -20.42 -33.58
C TRP D 162 -8.42 -20.64 -34.89
N ASN D 163 -9.16 -20.63 -36.00
CA ASN D 163 -8.60 -20.83 -37.34
C ASN D 163 -7.57 -21.95 -37.45
N SER D 164 -7.85 -23.11 -36.84
CA SER D 164 -6.92 -24.28 -36.86
C SER D 164 -5.60 -24.06 -36.08
N GLY D 165 -5.62 -23.18 -35.08
CA GLY D 165 -4.41 -22.81 -34.33
C GLY D 165 -3.59 -21.69 -34.96
N SER D 166 -3.91 -21.34 -36.22
CA SER D 166 -3.24 -20.23 -36.96
C SER D 166 -3.28 -18.94 -36.16
N LEU D 167 -4.20 -18.88 -35.21
CA LEU D 167 -4.27 -17.79 -34.26
C LEU D 167 -4.07 -18.25 -32.80
N SER D 168 -2.88 -17.95 -32.31
CA SER D 168 -2.58 -17.89 -30.87
C SER D 168 -2.39 -16.38 -30.59
N SER D 169 -2.30 -15.63 -31.71
CA SER D 169 -2.23 -14.16 -31.80
C SER D 169 -3.31 -13.49 -30.94
N SER D 170 -3.00 -13.36 -29.65
CA SER D 170 -3.95 -12.89 -28.65
C SER D 170 -5.21 -13.72 -28.64
N VAL D 171 -5.09 -14.95 -28.14
CA VAL D 171 -6.29 -15.63 -27.71
C VAL D 171 -6.30 -15.45 -26.19
N HIS D 172 -7.47 -15.19 -25.63
CA HIS D 172 -7.62 -15.20 -24.21
C HIS D 172 -8.67 -16.21 -23.87
N THR D 173 -8.36 -17.06 -22.92
CA THR D 173 -9.26 -18.11 -22.54
C THR D 173 -9.77 -17.78 -21.15
N PHE D 174 -11.08 -17.64 -21.01
CA PHE D 174 -11.59 -17.29 -19.69
C PHE D 174 -12.04 -18.53 -18.93
N PRO D 175 -11.51 -18.71 -17.71
CA PRO D 175 -11.86 -19.93 -17.02
C PRO D 175 -13.37 -20.07 -16.81
N ALA D 176 -13.83 -21.30 -17.01
CA ALA D 176 -15.19 -21.69 -16.83
C ALA D 176 -15.72 -21.38 -15.41
N LEU D 177 -16.96 -20.87 -15.34
CA LEU D 177 -17.69 -20.71 -14.10
C LEU D 177 -18.93 -21.58 -14.14
N LEU D 178 -19.48 -21.85 -12.96
CA LEU D 178 -20.62 -22.73 -12.76
C LEU D 178 -21.88 -21.87 -12.77
N GLN D 179 -22.83 -22.25 -13.60
CA GLN D 179 -24.06 -21.49 -13.83
C GLN D 179 -25.25 -22.47 -13.98
N SER D 180 -26.18 -22.44 -13.03
CA SER D 180 -27.36 -23.31 -13.12
C SER D 180 -26.95 -24.81 -13.25
N GLY D 181 -25.92 -25.18 -12.50
CA GLY D 181 -25.34 -26.51 -12.54
C GLY D 181 -24.38 -26.79 -13.70
N LEU D 182 -24.39 -25.95 -14.74
CA LEU D 182 -23.56 -26.18 -15.91
C LEU D 182 -22.44 -25.12 -16.07
N TYR D 183 -21.36 -25.48 -16.75
CA TYR D 183 -20.26 -24.53 -16.95
C TYR D 183 -20.46 -23.60 -18.17
N THR D 184 -19.81 -22.44 -18.11
CA THR D 184 -19.79 -21.45 -19.16
C THR D 184 -18.40 -20.84 -19.19
N MET D 185 -17.80 -20.79 -20.38
CA MET D 185 -16.54 -20.07 -20.54
C MET D 185 -16.64 -19.16 -21.75
N SER D 186 -15.67 -18.31 -21.96
CA SER D 186 -15.61 -17.56 -23.18
C SER D 186 -14.18 -17.47 -23.60
N SER D 187 -13.98 -17.26 -24.88
CA SER D 187 -12.68 -17.16 -25.45
C SER D 187 -12.68 -15.94 -26.35
N SER D 188 -11.59 -15.19 -26.36
CA SER D 188 -11.51 -14.10 -27.33
C SER D 188 -10.28 -14.21 -28.19
N VAL D 189 -10.32 -13.56 -29.34
CA VAL D 189 -9.20 -13.48 -30.22
C VAL D 189 -9.19 -12.08 -30.80
N THR D 190 -8.00 -11.52 -30.95
CA THR D 190 -7.84 -10.22 -31.55
C THR D 190 -7.07 -10.40 -32.84
N VAL D 191 -7.56 -9.77 -33.90
CA VAL D 191 -6.98 -9.89 -35.24
C VAL D 191 -6.88 -8.54 -35.91
N PRO D 192 -5.95 -8.39 -36.88
CA PRO D 192 -5.90 -7.10 -37.57
C PRO D 192 -7.24 -6.83 -38.25
N SER D 193 -7.74 -5.62 -38.10
CA SER D 193 -9.05 -5.28 -38.58
C SER D 193 -9.16 -5.24 -40.13
N SER D 194 -8.02 -5.31 -40.81
CA SER D 194 -8.00 -5.42 -42.27
C SER D 194 -8.21 -6.86 -42.75
N THR D 195 -8.27 -7.79 -41.80
CA THR D 195 -8.45 -9.20 -42.13
C THR D 195 -9.79 -9.76 -41.60
N TRP D 196 -10.58 -8.92 -40.96
CA TRP D 196 -11.95 -9.28 -40.63
C TRP D 196 -12.91 -8.09 -40.75
N PRO D 197 -14.11 -8.32 -41.36
CA PRO D 197 -14.64 -9.59 -41.88
C PRO D 197 -14.13 -9.99 -43.27
N SER D 198 -13.20 -9.21 -43.82
CA SER D 198 -12.50 -9.61 -45.05
C SER D 198 -12.24 -11.12 -45.09
N GLN D 199 -11.40 -11.64 -44.19
CA GLN D 199 -11.11 -13.06 -44.17
C GLN D 199 -11.89 -13.80 -43.07
N THR D 200 -12.11 -15.09 -43.27
CA THR D 200 -12.95 -15.89 -42.38
C THR D 200 -12.29 -16.21 -41.04
N VAL D 201 -13.07 -16.09 -39.97
CA VAL D 201 -12.60 -16.44 -38.64
C VAL D 201 -13.57 -17.40 -37.95
N THR D 202 -13.04 -18.54 -37.56
CA THR D 202 -13.83 -19.61 -37.00
C THR D 202 -13.30 -19.99 -35.65
N CYS D 203 -14.21 -20.29 -34.73
CA CYS D 203 -13.82 -20.95 -33.50
C CYS D 203 -14.39 -22.36 -33.46
N SER D 204 -13.54 -23.29 -33.04
CA SER D 204 -13.85 -24.70 -32.98
C SER D 204 -13.82 -25.15 -31.53
N VAL D 205 -14.93 -25.67 -31.04
CA VAL D 205 -15.05 -25.96 -29.64
C VAL D 205 -15.17 -27.46 -29.38
N ALA D 206 -14.11 -28.02 -28.83
CA ALA D 206 -14.06 -29.45 -28.55
C ALA D 206 -14.58 -29.73 -27.15
N HIS D 207 -15.50 -30.69 -27.03
CA HIS D 207 -15.90 -31.16 -25.70
C HIS D 207 -15.71 -32.67 -25.60
N PRO D 208 -14.46 -33.11 -25.40
CA PRO D 208 -14.11 -34.55 -25.46
C PRO D 208 -15.12 -35.44 -24.73
N ALA D 209 -15.52 -35.03 -23.54
CA ALA D 209 -16.51 -35.71 -22.70
C ALA D 209 -17.84 -36.11 -23.38
N SER D 210 -18.40 -35.26 -24.21
CA SER D 210 -19.62 -35.62 -24.93
C SER D 210 -19.35 -36.09 -26.37
N SER D 211 -18.07 -36.02 -26.80
CA SER D 211 -17.65 -36.30 -28.17
C SER D 211 -18.21 -35.31 -29.19
N THR D 212 -18.33 -34.05 -28.80
CA THR D 212 -18.84 -33.08 -29.76
C THR D 212 -17.80 -32.05 -30.14
N THR D 213 -17.79 -31.70 -31.42
CA THR D 213 -17.08 -30.52 -31.90
C THR D 213 -18.09 -29.56 -32.51
N VAL D 214 -17.95 -28.29 -32.19
CA VAL D 214 -18.88 -27.33 -32.69
C VAL D 214 -18.06 -26.18 -33.25
N ASP D 215 -18.35 -25.86 -34.52
CA ASP D 215 -17.74 -24.72 -35.19
C ASP D 215 -18.71 -23.57 -35.33
N LYS D 216 -18.19 -22.37 -35.20
CA LYS D 216 -18.96 -21.21 -35.45
C LYS D 216 -18.17 -20.25 -36.32
N LYS D 217 -18.74 -19.89 -37.45
CA LYS D 217 -18.19 -18.82 -38.28
C LYS D 217 -18.54 -17.51 -37.60
N LEU D 218 -17.57 -16.62 -37.47
CA LEU D 218 -17.88 -15.30 -36.96
C LEU D 218 -18.22 -14.34 -38.08
N GLU D 219 -19.47 -13.90 -38.09
CA GLU D 219 -19.98 -13.03 -39.16
C GLU D 219 -20.58 -11.74 -38.63
N PRO D 220 -20.40 -10.64 -39.38
CA PRO D 220 -20.99 -9.38 -38.92
C PRO D 220 -22.53 -9.43 -38.82
N ARG D 221 -23.09 -8.52 -38.01
CA ARG D 221 -24.54 -8.40 -37.75
C ARG D 221 -25.07 -9.62 -36.99
ZN ZN E . -7.10 40.71 -16.34
ZN ZN F . -22.74 16.55 -0.37
ZN ZN G . 2.86 10.97 21.92
ZN ZN H . 26.13 24.75 42.91
ZN ZN I . -3.14 43.84 -11.01
ZN ZN J . 1.84 29.56 -12.13
ZN ZN K . -4.55 15.21 -12.09
ZN ZN L . -35.96 0.06 -20.67
ZN ZN M . -2.93 -11.01 -23.45
ZN ZN N . -0.22 -33.73 9.58
ZN ZN O . 12.46 -36.62 0.11
#